data_7W53
#
_entry.id   7W53
#
_cell.length_a   1.00
_cell.length_b   1.00
_cell.length_c   1.00
_cell.angle_alpha   90.00
_cell.angle_beta   90.00
_cell.angle_gamma   90.00
#
_symmetry.space_group_name_H-M   'P 1'
#
loop_
_entity.id
_entity.type
_entity.pdbx_description
1 polymer 'Guanine nucleotide-binding protein G(q) subunit alpha'
2 polymer 'Guanine nucleotide-binding protein G(I)/G(S)/G(T) subunit beta-1'
3 polymer Neuromedin-U-25
4 polymer scFv16
5 polymer 'Guanine nucleotide-binding protein G(I)/G(S)/G(O) subunit gamma-2'
6 polymer 'Neuromedin-U receptor 1'
#
loop_
_entity_poly.entity_id
_entity_poly.type
_entity_poly.pdbx_seq_one_letter_code
_entity_poly.pdbx_strand_id
1 'polypeptide(L)'
;MGCTLSAEDKAAVERSKMIEKQLQKDKQVYRRTLRLLLLGADNSGKSTIVKQMRIYHVNGYSEEECKQYKAVVYSNTIQS
IIAIIRAMGRLKIDFGDSARADDARQLFVLAGAAEEGFMTAELAGVIKRLWKDSGVQACFNRSREYQLNDSAAYYLNDLD
RIAQPNYIPTQQDVLRTRVKTSGIFETKFQVDKVNFHMFDVGAQRDERRKWIQCFNDVTAIIFVVDSSDYNRLQEALNDF
KSIWNNRWLRTISVILFLNKQDLLAEKVLAGKSKIEDYFPEFARYTTPEDATPEPGEDPRVTRAKYFIRKEFVDISTASG
DGRHICYPHFTCSVDTENARRIFNDCKDIILQMNLREYNLV
;
A
2 'polypeptide(L)'
;MGSLLQSELDQLRQEAEQLKNQIRDARKACADATLSQITNNIDPVGRIQMRTRRTLRGHLAKIYAMHWGTDSRLLVSASQ
DGKLIIWDSYTTNKVHAIPLRSSWVMTCAYAPSGNYVACGGLDNICSIYNLKTREGNVRVSRELAGHTGYLSCCRFLDDN
QIVTSSGDTTCALWDIETGQQTTTFTGHTGDVMSLSLAPDTRLFVSGACDASAKLWDVREGMCRQTFTGHESDINAICFF
PNGNAFATGSDDATCRLFDLRADQELMTYSHDNIICGITSVSFSKSGRLLLAGYDDFNCNVWDALKADRAGVLAGHDNRV
SCLGVTDDGMAVATGSWDSFLKIWNGSSGGGGSGGGGSSGVSGWRLFKKIS
;
B
3 'polypeptide(L)' FRVDEEFQSPFASQSRGYFLFRPRNQ C
4 'polypeptide(L)'
;DVQLVESGGGLVQPGGSRKLSCSASGFAFSSFGMHWVRQAPEKGLEWVAYISSGSGTIYYADTVKGRFTISRDDPKNTLF
LQMTSLRSEDTAMYYCVRSIYYYGSSPFDFWGQGTTLTVSSGGGGSGGGGSGGGGSSDIVMTQATSSVPVTPGESVSISC
RSSKSLLHSNGNTYLYWFLQRPGQSPQLLIYRMSNLASGVPDRFSGSGSGTAFTLTISRLEAEDVGVYYCMQHLEYPLTF
GAGTKLELK
;
E
5 'polypeptide(L)' ASNNTASIAQARKLVEQLKMEANIDRIKVSKAAADLMAYCEAHAKEDPLLTPVPASENPFREKKFFCAIL G
6 'polypeptide(L)'
;MKTIIALSYIFCLVFADYKDDDDAKLQTMHHHHHHHHHHADLEDNWETLNDNLKVIEKADNAAQVKDALTKMRAAALDAQ
KATPPKLEDKSPDSPEMKDFRHGFDILVGQIDDALKLANEGKVKEAQAAAEQLKTTRNAYIQKYLASENLYFQGGTMTPL
CLNCSVLPGDLYPGGARNPMACNGSAARGHFDPEDLNLTDEALRLKYLGPQQTELFMPICATYLLIFVVGAVGNGLTCLV
ILRHKAMRTPTNYYLFSLAVSDLLVLLVGLPLELYEMWHNYPFLLGVGGCYFRTLLFEMVCLASVLNVTALSVERYVAVV
HPLQARSMVTRAHVRRVLGAVWGLAMLCSLPNTSLHGIRQLHVPCRGPVPDSAVCMLVRPRALYNMVVQTTALLFFCLPM
AIMSVLYLLIGLRLRRERLLLMQEAKGRGSAAARSRYTCRLQQHDRGRRQVTKMLFVLVVVFGICWAPFHADRVMWSVVS
QWTDGLHLAFQHVHVISGIFFYLGSAANPVLYSLMSSRFRETFQEALCLGACCHRLRPRHSSHSLSRMTTGSTLCDVGSL
GSWVHPLAGNDGPEAQQETDPSGSSGGGGSGGGGSSGVFTLEDFVGDWEQTAAYNLDQVLEQGGVSSLLQNLAVSVTPIQ
RIVRSGENALKIDIHVIIPYEGLSADQMAQIEEVFKVVYPVDDHHFKVILPYGTLVIDGVTPNMLNYFGRPYEGIAVFDG
KKITVTGTLWNGNKIIDERLITPDGSMLFRVTINS
;
R
#
# COMPACT_ATOMS: atom_id res chain seq x y z
N GLU A 8 -9.84 26.78 0.54
CA GLU A 8 -9.73 25.91 -0.67
C GLU A 8 -9.00 24.61 -0.33
N ASP A 9 -8.00 24.71 0.54
CA ASP A 9 -7.38 23.50 1.05
C ASP A 9 -8.41 22.57 1.67
N LYS A 10 -9.39 23.13 2.37
CA LYS A 10 -10.43 22.31 2.97
C LYS A 10 -11.19 21.52 1.91
N ALA A 11 -11.39 22.11 0.75
CA ALA A 11 -12.06 21.38 -0.32
C ALA A 11 -11.20 20.26 -0.87
N ALA A 12 -9.90 20.47 -0.97
CA ALA A 12 -9.01 19.40 -1.37
C ALA A 12 -9.00 18.27 -0.36
N VAL A 13 -9.09 18.61 0.93
CA VAL A 13 -9.10 17.59 1.98
C VAL A 13 -10.40 16.80 1.93
N GLU A 14 -11.51 17.48 1.67
CA GLU A 14 -12.76 16.75 1.51
C GLU A 14 -12.71 15.84 0.30
N ARG A 15 -12.05 16.27 -0.77
CA ARG A 15 -11.85 15.40 -1.92
C ARG A 15 -11.02 14.18 -1.54
N SER A 16 -9.92 14.40 -0.84
CA SER A 16 -9.07 13.29 -0.43
C SER A 16 -9.83 12.32 0.46
N LYS A 17 -10.72 12.82 1.31
CA LYS A 17 -11.47 11.92 2.17
C LYS A 17 -12.57 11.17 1.42
N MET A 18 -13.17 11.78 0.40
CA MET A 18 -14.05 11.01 -0.48
C MET A 18 -13.27 9.88 -1.14
N ILE A 19 -12.05 10.17 -1.59
CA ILE A 19 -11.22 9.14 -2.19
C ILE A 19 -10.92 8.05 -1.18
N GLU A 20 -10.63 8.43 0.06
CA GLU A 20 -10.39 7.44 1.11
C GLU A 20 -11.60 6.55 1.34
N LYS A 21 -12.80 7.13 1.37
CA LYS A 21 -13.99 6.30 1.51
C LYS A 21 -14.08 5.29 0.37
N GLN A 22 -13.79 5.73 -0.84
CA GLN A 22 -13.85 4.80 -1.96
C GLN A 22 -12.77 3.72 -1.84
N LEU A 23 -11.57 4.10 -1.39
CA LEU A 23 -10.52 3.11 -1.19
C LEU A 23 -10.94 2.07 -0.15
N GLN A 24 -11.57 2.52 0.94
CA GLN A 24 -12.08 1.59 1.92
C GLN A 24 -13.08 0.63 1.29
N LYS A 25 -14.02 1.17 0.51
CA LYS A 25 -14.98 0.28 -0.13
C LYS A 25 -14.28 -0.72 -1.05
N ASP A 26 -13.12 -0.36 -1.59
CA ASP A 26 -12.34 -1.34 -2.34
C ASP A 26 -11.67 -2.34 -1.42
N LYS A 27 -11.07 -1.89 -0.32
CA LYS A 27 -10.27 -2.77 0.52
C LYS A 27 -11.10 -3.94 1.03
N GLN A 28 -12.38 -3.73 1.29
CA GLN A 28 -13.24 -4.83 1.69
C GLN A 28 -13.30 -5.91 0.61
N VAL A 29 -13.46 -5.50 -0.65
CA VAL A 29 -13.51 -6.47 -1.72
C VAL A 29 -12.13 -7.04 -2.01
N TYR A 30 -11.07 -6.32 -1.68
CA TYR A 30 -9.74 -6.86 -1.89
C TYR A 30 -9.46 -8.01 -0.93
N ARG A 31 -9.83 -7.86 0.35
CA ARG A 31 -9.52 -8.88 1.33
C ARG A 31 -10.29 -10.16 1.05
N ARG A 32 -11.59 -10.06 0.84
CA ARG A 32 -12.43 -11.26 0.81
C ARG A 32 -12.32 -12.03 -0.51
N THR A 33 -11.73 -11.46 -1.54
CA THR A 33 -11.48 -12.24 -2.75
C THR A 33 -10.21 -13.05 -2.62
N LEU A 34 -10.19 -14.22 -3.25
CA LEU A 34 -9.02 -15.09 -3.25
C LEU A 34 -8.38 -15.01 -4.62
N ARG A 35 -7.06 -14.93 -4.63
CA ARG A 35 -6.28 -14.75 -5.85
C ARG A 35 -5.56 -16.05 -6.17
N LEU A 36 -5.77 -16.56 -7.39
CA LEU A 36 -5.20 -17.83 -7.82
C LEU A 36 -4.32 -17.60 -9.04
N LEU A 37 -3.07 -18.03 -8.96
CA LEU A 37 -2.14 -17.94 -10.08
C LEU A 37 -2.23 -19.23 -10.89
N LEU A 38 -2.58 -19.11 -12.15
CA LEU A 38 -2.82 -20.26 -13.02
C LEU A 38 -1.63 -20.46 -13.94
N LEU A 39 -0.77 -21.43 -13.59
CA LEU A 39 0.37 -21.75 -14.41
C LEU A 39 0.11 -23.05 -15.16
N GLY A 40 1.03 -23.43 -16.04
CA GLY A 40 0.93 -24.65 -16.83
C GLY A 40 1.40 -24.47 -18.26
N ALA A 41 1.92 -25.54 -18.84
CA ALA A 41 2.48 -25.44 -20.17
C ALA A 41 1.45 -25.08 -21.23
N ASP A 42 1.87 -25.08 -22.46
CA ASP A 42 0.95 -24.86 -23.58
C ASP A 42 0.07 -26.07 -23.84
N ASN A 43 0.61 -27.27 -23.65
CA ASN A 43 -0.18 -28.48 -23.85
C ASN A 43 -1.38 -28.53 -22.91
N SER A 44 -1.19 -28.07 -21.67
CA SER A 44 -2.26 -28.15 -20.68
C SER A 44 -3.49 -27.40 -21.11
N GLY A 45 -4.66 -28.03 -21.04
CA GLY A 45 -5.90 -27.35 -21.35
C GLY A 45 -6.38 -26.59 -20.14
N LYS A 46 -5.65 -25.53 -19.77
CA LYS A 46 -6.00 -24.73 -18.60
C LYS A 46 -7.04 -23.66 -18.96
N SER A 47 -7.28 -23.43 -20.25
CA SER A 47 -8.29 -22.47 -20.66
C SER A 47 -9.68 -22.86 -20.15
N THR A 48 -9.92 -24.16 -20.01
CA THR A 48 -11.30 -24.65 -19.98
C THR A 48 -12.05 -24.20 -18.72
N ILE A 49 -11.40 -24.25 -17.57
CA ILE A 49 -12.08 -24.07 -16.29
C ILE A 49 -12.95 -22.82 -16.30
N SER A 182 -0.80 -9.55 -25.96
CA SER A 182 -1.24 -9.09 -24.65
C SER A 182 -0.99 -10.17 -23.61
N GLY A 183 -0.84 -9.76 -22.36
CA GLY A 183 -0.46 -10.66 -21.30
C GLY A 183 -1.59 -11.19 -20.45
N ILE A 184 -1.38 -11.04 -19.14
CA ILE A 184 -2.30 -11.54 -18.17
C ILE A 184 -3.79 -11.49 -18.39
N PHE A 185 -4.47 -12.63 -18.24
CA PHE A 185 -5.93 -12.62 -18.29
C PHE A 185 -6.47 -12.83 -16.88
N GLU A 186 -7.16 -11.83 -16.36
CA GLU A 186 -7.60 -11.83 -14.96
C GLU A 186 -9.05 -12.30 -14.87
N THR A 187 -9.23 -13.59 -15.10
CA THR A 187 -10.55 -14.21 -15.01
C THR A 187 -11.11 -14.12 -13.60
N LYS A 188 -12.43 -13.96 -13.51
CA LYS A 188 -13.12 -13.91 -12.23
C LYS A 188 -14.20 -14.98 -12.18
N PHE A 189 -14.36 -15.60 -11.02
CA PHE A 189 -15.50 -16.46 -10.76
C PHE A 189 -15.74 -16.50 -9.25
N GLN A 190 -16.80 -17.19 -8.86
CA GLN A 190 -17.20 -17.26 -7.47
C GLN A 190 -17.75 -18.63 -7.16
N VAL A 191 -17.70 -19.00 -5.88
CA VAL A 191 -18.32 -20.22 -5.38
C VAL A 191 -18.88 -19.94 -3.99
N ASP A 192 -20.16 -20.22 -3.79
CA ASP A 192 -20.79 -20.08 -2.48
C ASP A 192 -20.50 -18.72 -1.88
N LYS A 193 -20.63 -17.69 -2.71
CA LYS A 193 -20.41 -16.30 -2.30
C LYS A 193 -18.97 -16.03 -1.89
N VAL A 194 -18.03 -16.88 -2.31
CA VAL A 194 -16.61 -16.56 -2.23
C VAL A 194 -16.09 -16.34 -3.64
N ASN A 195 -15.54 -15.17 -3.88
CA ASN A 195 -15.16 -14.72 -5.22
C ASN A 195 -13.68 -14.96 -5.44
N PHE A 196 -13.34 -15.57 -6.57
CA PHE A 196 -11.97 -15.94 -6.90
C PHE A 196 -11.47 -15.09 -8.06
N HIS A 197 -10.24 -14.63 -7.96
CA HIS A 197 -9.56 -13.93 -9.03
C HIS A 197 -8.44 -14.83 -9.53
N MET A 198 -8.56 -15.32 -10.75
CA MET A 198 -7.59 -16.25 -11.32
C MET A 198 -6.85 -15.55 -12.44
N PHE A 199 -5.54 -15.39 -12.26
CA PHE A 199 -4.71 -14.64 -13.19
C PHE A 199 -3.98 -15.60 -14.11
N ASP A 200 -4.53 -15.82 -15.30
CA ASP A 200 -3.87 -16.68 -16.29
C ASP A 200 -2.75 -15.88 -16.91
N VAL A 201 -1.59 -15.86 -16.24
CA VAL A 201 -0.43 -15.18 -16.79
C VAL A 201 -0.04 -15.87 -18.09
N GLY A 202 0.37 -15.09 -19.11
CA GLY A 202 0.70 -15.66 -20.40
C GLY A 202 1.30 -14.64 -21.33
N ALA A 203 1.68 -15.04 -22.54
CA ALA A 203 2.33 -14.15 -23.51
C ALA A 203 3.60 -13.55 -22.91
N GLN A 204 4.34 -14.35 -22.15
CA GLN A 204 5.59 -13.91 -21.54
C GLN A 204 6.74 -14.71 -22.12
N ARG A 205 7.91 -14.07 -22.13
CA ARG A 205 9.15 -14.77 -22.39
C ARG A 205 9.23 -16.00 -21.50
N ASP A 206 9.83 -17.07 -22.01
CA ASP A 206 9.74 -18.37 -21.34
C ASP A 206 10.34 -18.33 -19.93
N GLU A 207 11.17 -17.34 -19.64
CA GLU A 207 11.71 -17.18 -18.30
C GLU A 207 10.62 -16.73 -17.34
N ARG A 208 10.70 -17.22 -16.08
CA ARG A 208 9.76 -16.83 -15.01
C ARG A 208 10.42 -16.13 -13.84
N ARG A 209 11.72 -16.36 -13.60
CA ARG A 209 12.41 -15.82 -12.40
C ARG A 209 11.97 -14.45 -11.94
N LYS A 210 11.70 -13.52 -12.88
CA LYS A 210 11.34 -12.16 -12.47
C LYS A 210 9.86 -11.99 -12.20
N TRP A 211 9.02 -12.20 -13.20
CA TRP A 211 7.63 -11.81 -13.04
C TRP A 211 6.89 -12.71 -12.06
N ILE A 212 7.48 -13.83 -11.65
CA ILE A 212 6.85 -14.70 -10.66
C ILE A 212 6.93 -14.12 -9.26
N GLN A 213 7.85 -13.20 -9.01
CA GLN A 213 7.94 -12.58 -7.69
C GLN A 213 6.69 -11.78 -7.35
N CYS A 214 5.90 -11.42 -8.36
CA CYS A 214 4.70 -10.64 -8.12
C CYS A 214 3.68 -11.38 -7.28
N PHE A 215 3.65 -12.71 -7.44
CA PHE A 215 2.57 -13.52 -6.85
C PHE A 215 2.82 -14.18 -5.51
N ASN A 216 3.49 -13.52 -4.58
CA ASN A 216 3.59 -14.04 -3.22
C ASN A 216 2.25 -13.84 -2.52
N ASP A 217 1.39 -12.95 -3.04
CA ASP A 217 0.14 -12.64 -2.37
C ASP A 217 -0.96 -13.64 -2.64
N VAL A 218 -0.74 -14.57 -3.57
CA VAL A 218 -1.82 -15.48 -3.95
C VAL A 218 -2.01 -16.56 -2.89
N THR A 219 -3.24 -17.06 -2.82
CA THR A 219 -3.53 -18.18 -1.92
C THR A 219 -2.92 -19.47 -2.44
N ALA A 220 -3.14 -19.77 -3.71
CA ALA A 220 -2.62 -21.00 -4.30
C ALA A 220 -2.29 -20.79 -5.76
N ILE A 221 -1.14 -21.30 -6.18
CA ILE A 221 -0.87 -21.52 -7.59
C ILE A 221 -1.70 -22.70 -8.06
N ILE A 222 -2.31 -22.57 -9.22
CA ILE A 222 -2.98 -23.69 -9.87
C ILE A 222 -2.09 -24.14 -11.03
N PHE A 223 -1.50 -25.30 -10.90
CA PHE A 223 -0.59 -25.82 -11.91
C PHE A 223 -1.31 -26.93 -12.64
N VAL A 224 -1.53 -26.73 -13.93
CA VAL A 224 -2.25 -27.69 -14.76
C VAL A 224 -1.25 -28.35 -15.69
N VAL A 225 -1.36 -29.66 -15.81
CA VAL A 225 -0.46 -30.43 -16.68
C VAL A 225 -1.30 -31.45 -17.44
N ASP A 226 -1.07 -31.53 -18.73
CA ASP A 226 -1.73 -32.53 -19.58
C ASP A 226 -1.03 -33.86 -19.37
N SER A 227 -1.64 -34.71 -18.56
CA SER A 227 -1.01 -35.97 -18.18
C SER A 227 -0.73 -36.89 -19.35
N SER A 228 -1.51 -36.79 -20.43
CA SER A 228 -1.43 -37.76 -21.52
C SER A 228 -0.27 -37.50 -22.49
N ASP A 229 0.38 -36.35 -22.42
CA ASP A 229 1.58 -36.10 -23.22
C ASP A 229 2.80 -36.69 -22.50
N TYR A 230 2.91 -38.02 -22.64
CA TYR A 230 3.93 -38.76 -21.91
C TYR A 230 5.32 -38.19 -22.13
N ASN A 231 5.61 -37.72 -23.34
CA ASN A 231 6.98 -37.30 -23.64
C ASN A 231 7.32 -35.98 -22.96
N ARG A 232 6.42 -35.00 -23.03
CA ARG A 232 6.65 -33.72 -22.36
C ARG A 232 6.62 -33.87 -20.85
N LEU A 233 5.99 -34.92 -20.34
CA LEU A 233 5.66 -34.99 -18.92
C LEU A 233 6.89 -34.81 -18.05
N GLN A 234 8.06 -35.27 -18.49
CA GLN A 234 9.27 -35.00 -17.73
C GLN A 234 9.59 -33.52 -17.72
N GLU A 235 9.34 -32.82 -18.83
CA GLU A 235 9.53 -31.38 -18.85
C GLU A 235 8.55 -30.69 -17.91
N ALA A 236 7.28 -31.10 -17.93
CA ALA A 236 6.32 -30.56 -16.96
C ALA A 236 6.77 -30.86 -15.54
N LEU A 237 7.38 -32.02 -15.34
CA LEU A 237 7.87 -32.37 -14.01
C LEU A 237 8.97 -31.42 -13.57
N ASN A 238 9.92 -31.10 -14.46
CA ASN A 238 10.95 -30.14 -14.10
C ASN A 238 10.37 -28.75 -13.91
N ASP A 239 9.34 -28.41 -14.65
CA ASP A 239 8.65 -27.13 -14.47
C ASP A 239 8.04 -27.05 -13.07
N PHE A 240 7.33 -28.10 -12.68
CA PHE A 240 6.78 -28.16 -11.33
C PHE A 240 7.89 -28.05 -10.29
N LYS A 241 9.02 -28.69 -10.52
CA LYS A 241 10.12 -28.57 -9.59
C LYS A 241 10.55 -27.11 -9.49
N SER A 242 10.69 -26.42 -10.62
CA SER A 242 11.18 -25.05 -10.60
C SER A 242 10.21 -24.12 -9.90
N ILE A 243 8.91 -24.38 -10.04
CA ILE A 243 7.93 -23.59 -9.31
C ILE A 243 8.04 -23.89 -7.82
N TRP A 244 7.88 -25.16 -7.45
CA TRP A 244 7.77 -25.54 -6.06
C TRP A 244 8.95 -25.04 -5.24
N ASN A 245 10.16 -25.31 -5.69
CA ASN A 245 11.35 -24.90 -4.96
C ASN A 245 11.74 -23.46 -5.23
N ASN A 246 10.83 -22.68 -5.81
CA ASN A 246 11.14 -21.28 -6.06
C ASN A 246 11.34 -20.55 -4.75
N ARG A 247 12.37 -19.71 -4.71
CA ARG A 247 12.72 -19.02 -3.47
C ARG A 247 11.52 -18.25 -2.91
N TRP A 248 10.70 -17.67 -3.77
CA TRP A 248 9.64 -16.78 -3.33
C TRP A 248 8.33 -17.49 -3.06
N LEU A 249 8.01 -18.51 -3.83
CA LEU A 249 6.73 -19.20 -3.67
C LEU A 249 6.71 -20.08 -2.43
N ARG A 250 7.83 -20.20 -1.72
CA ARG A 250 7.95 -21.15 -0.61
C ARG A 250 6.71 -21.21 0.27
N THR A 251 5.99 -20.10 0.41
CA THR A 251 4.82 -20.09 1.29
C THR A 251 3.58 -20.64 0.62
N ILE A 252 3.57 -20.78 -0.71
CA ILE A 252 2.34 -20.95 -1.47
C ILE A 252 2.10 -22.41 -1.79
N SER A 253 0.91 -22.89 -1.46
CA SER A 253 0.46 -24.22 -1.86
C SER A 253 0.16 -24.25 -3.35
N VAL A 254 0.19 -25.45 -3.92
CA VAL A 254 -0.09 -25.65 -5.34
C VAL A 254 -1.30 -26.56 -5.46
N ILE A 255 -2.34 -26.10 -6.13
CA ILE A 255 -3.44 -26.97 -6.54
C ILE A 255 -3.06 -27.54 -7.89
N LEU A 256 -2.70 -28.81 -7.93
CA LEU A 256 -2.15 -29.43 -9.11
C LEU A 256 -3.24 -30.22 -9.81
N PHE A 257 -3.64 -29.78 -10.99
CA PHE A 257 -4.60 -30.49 -11.81
C PHE A 257 -3.83 -31.36 -12.79
N LEU A 258 -3.93 -32.67 -12.61
CA LEU A 258 -3.49 -33.64 -13.62
C LEU A 258 -4.63 -33.74 -14.62
N ASN A 259 -4.57 -32.88 -15.62
CA ASN A 259 -5.68 -32.74 -16.55
C ASN A 259 -5.78 -33.79 -17.62
N LYS A 260 -6.93 -33.89 -18.28
CA LYS A 260 -7.16 -34.78 -19.42
C LYS A 260 -7.09 -36.25 -19.01
N GLN A 261 -7.81 -36.60 -17.94
CA GLN A 261 -7.88 -37.99 -17.51
C GLN A 261 -8.47 -38.88 -18.60
N ASP A 262 -9.38 -38.34 -19.41
CA ASP A 262 -10.04 -39.15 -20.43
C ASP A 262 -9.05 -39.63 -21.48
N LEU A 263 -8.25 -38.71 -22.03
CA LEU A 263 -7.24 -39.10 -23.01
C LEU A 263 -6.21 -40.01 -22.36
N LEU A 264 -5.85 -39.74 -21.10
CA LEU A 264 -4.91 -40.60 -20.41
C LEU A 264 -5.43 -42.04 -20.38
N ALA A 265 -6.70 -42.21 -20.01
CA ALA A 265 -7.27 -43.55 -19.94
C ALA A 265 -7.31 -44.19 -21.32
N GLU A 266 -7.87 -43.49 -22.30
CA GLU A 266 -8.00 -44.08 -23.63
C GLU A 266 -6.65 -44.48 -24.19
N LYS A 267 -5.60 -43.71 -23.90
CA LYS A 267 -4.27 -44.12 -24.28
C LYS A 267 -3.83 -45.36 -23.52
N VAL A 268 -4.03 -45.37 -22.21
CA VAL A 268 -3.63 -46.53 -21.43
C VAL A 268 -4.41 -47.76 -21.84
N LEU A 269 -5.64 -47.58 -22.31
CA LEU A 269 -6.40 -48.71 -22.82
C LEU A 269 -5.85 -49.19 -24.15
N ALA A 270 -5.60 -48.26 -25.06
CA ALA A 270 -5.12 -48.63 -26.39
C ALA A 270 -3.65 -49.06 -26.34
N PRO A 280 3.01 -44.87 -18.08
CA PRO A 280 4.38 -44.81 -18.60
C PRO A 280 5.37 -45.60 -17.76
N GLU A 281 4.94 -46.07 -16.58
CA GLU A 281 5.76 -46.95 -15.77
C GLU A 281 5.50 -48.37 -16.24
N PHE A 282 6.15 -48.71 -17.35
CA PHE A 282 5.85 -49.93 -18.07
C PHE A 282 6.27 -51.19 -17.33
N ALA A 283 7.07 -51.07 -16.26
CA ALA A 283 7.69 -52.25 -15.69
C ALA A 283 7.30 -52.58 -14.25
N ARG A 284 7.50 -51.65 -13.31
CA ARG A 284 7.59 -52.04 -11.90
C ARG A 284 6.85 -51.09 -10.98
N TYR A 285 5.62 -50.72 -11.31
CA TYR A 285 4.79 -49.95 -10.39
C TYR A 285 3.40 -50.52 -10.36
N THR A 286 2.82 -50.58 -9.15
CA THR A 286 1.45 -51.02 -8.95
C THR A 286 0.81 -50.12 -7.90
N THR A 287 -0.51 -49.95 -8.01
CA THR A 287 -1.19 -48.99 -7.16
C THR A 287 -1.09 -49.37 -5.70
N PRO A 288 -0.68 -48.47 -4.81
CA PRO A 288 -0.88 -48.71 -3.37
C PRO A 288 -2.37 -48.67 -3.04
N GLU A 289 -2.85 -49.73 -2.37
CA GLU A 289 -4.27 -49.85 -2.08
C GLU A 289 -4.77 -48.78 -1.12
N ASP A 290 -3.86 -47.98 -0.53
CA ASP A 290 -4.30 -46.88 0.32
C ASP A 290 -5.27 -45.96 -0.42
N ALA A 291 -5.09 -45.79 -1.72
CA ALA A 291 -6.02 -45.05 -2.56
C ALA A 291 -6.66 -46.01 -3.55
N THR A 292 -7.99 -45.92 -3.67
CA THR A 292 -8.75 -46.86 -4.47
C THR A 292 -9.50 -46.12 -5.58
N PRO A 293 -9.71 -46.76 -6.72
CA PRO A 293 -10.29 -46.06 -7.87
C PRO A 293 -11.81 -45.97 -7.81
N GLU A 294 -12.34 -45.13 -8.71
CA GLU A 294 -13.78 -45.07 -8.93
C GLU A 294 -14.23 -46.30 -9.71
N PRO A 295 -15.53 -46.61 -9.65
CA PRO A 295 -16.03 -47.77 -10.40
C PRO A 295 -15.82 -47.62 -11.91
N GLY A 296 -15.56 -48.76 -12.56
CA GLY A 296 -15.43 -48.82 -13.99
C GLY A 296 -14.02 -48.65 -14.53
N GLU A 297 -13.06 -48.28 -13.68
CA GLU A 297 -11.73 -47.94 -14.14
C GLU A 297 -10.85 -49.18 -14.29
N ASP A 298 -10.27 -49.35 -15.46
CA ASP A 298 -9.33 -50.44 -15.69
C ASP A 298 -8.13 -50.28 -14.76
N PRO A 299 -7.79 -51.31 -13.95
CA PRO A 299 -6.65 -51.16 -13.02
C PRO A 299 -5.36 -50.73 -13.71
N ARG A 300 -5.25 -50.98 -15.02
CA ARG A 300 -4.14 -50.40 -15.75
C ARG A 300 -4.20 -48.88 -15.71
N VAL A 301 -5.37 -48.31 -16.00
CA VAL A 301 -5.54 -46.87 -15.93
C VAL A 301 -5.20 -46.37 -14.53
N THR A 302 -5.71 -47.05 -13.50
CA THR A 302 -5.46 -46.62 -12.13
C THR A 302 -3.98 -46.64 -11.81
N ARG A 303 -3.30 -47.73 -12.11
CA ARG A 303 -1.89 -47.82 -11.75
C ARG A 303 -1.08 -46.77 -12.50
N ALA A 304 -1.38 -46.56 -13.78
CA ALA A 304 -0.65 -45.52 -14.52
C ALA A 304 -0.89 -44.15 -13.93
N LYS A 305 -2.17 -43.78 -13.75
CA LYS A 305 -2.47 -42.42 -13.33
C LYS A 305 -1.98 -42.15 -11.91
N TYR A 306 -2.01 -43.17 -11.04
CA TYR A 306 -1.42 -43.00 -9.72
C TYR A 306 0.10 -42.99 -9.77
N PHE A 307 0.70 -43.59 -10.80
CA PHE A 307 2.14 -43.45 -10.96
C PHE A 307 2.50 -42.01 -11.29
N ILE A 308 1.80 -41.42 -12.26
CA ILE A 308 2.07 -40.04 -12.62
C ILE A 308 1.85 -39.14 -11.41
N ARG A 309 0.70 -39.29 -10.76
CA ARG A 309 0.39 -38.47 -9.60
C ARG A 309 1.49 -38.58 -8.55
N LYS A 310 1.94 -39.79 -8.26
CA LYS A 310 3.03 -39.97 -7.31
C LYS A 310 4.25 -39.18 -7.73
N GLU A 311 4.50 -39.09 -9.03
CA GLU A 311 5.72 -38.44 -9.50
C GLU A 311 5.73 -36.97 -9.10
N PHE A 312 4.59 -36.30 -9.15
CA PHE A 312 4.51 -34.93 -8.70
C PHE A 312 4.57 -34.83 -7.18
N VAL A 313 3.77 -35.65 -6.49
CA VAL A 313 3.77 -35.60 -5.04
C VAL A 313 5.17 -35.89 -4.51
N ASP A 314 5.94 -36.69 -5.24
CA ASP A 314 7.31 -36.98 -4.83
C ASP A 314 8.15 -35.71 -4.75
N ILE A 315 8.08 -34.88 -5.79
CA ILE A 315 8.79 -33.60 -5.77
C ILE A 315 8.21 -32.70 -4.69
N SER A 316 6.89 -32.73 -4.52
CA SER A 316 6.26 -31.88 -3.52
C SER A 316 6.71 -32.22 -2.11
N THR A 317 7.05 -33.49 -1.85
CA THR A 317 7.38 -33.92 -0.51
C THR A 317 8.88 -33.95 -0.23
N ALA A 318 9.72 -34.06 -1.26
CA ALA A 318 11.16 -34.07 -1.06
C ALA A 318 11.68 -32.74 -0.56
N SER A 319 10.87 -31.69 -0.63
CA SER A 319 11.28 -30.35 -0.19
C SER A 319 10.01 -29.58 0.11
N GLY A 320 10.16 -28.49 0.84
CA GLY A 320 8.99 -27.78 1.32
C GLY A 320 8.30 -28.63 2.37
N ASP A 321 8.94 -28.74 3.54
CA ASP A 321 8.53 -29.72 4.55
C ASP A 321 7.03 -29.71 4.77
N GLY A 322 6.51 -28.66 5.41
CA GLY A 322 5.09 -28.55 5.64
C GLY A 322 4.61 -27.12 5.51
N ARG A 323 5.50 -26.24 5.04
CA ARG A 323 5.13 -24.85 4.88
C ARG A 323 4.06 -24.68 3.80
N HIS A 324 4.13 -25.47 2.72
CA HIS A 324 3.11 -25.45 1.70
C HIS A 324 2.89 -26.88 1.19
N ILE A 325 1.71 -27.11 0.65
CA ILE A 325 1.21 -28.45 0.36
C ILE A 325 0.66 -28.47 -1.06
N CYS A 326 1.04 -29.50 -1.82
CA CYS A 326 0.50 -29.71 -3.15
C CYS A 326 -0.78 -30.53 -3.06
N TYR A 327 -1.81 -30.12 -3.78
CA TYR A 327 -3.11 -30.78 -3.73
C TYR A 327 -3.42 -31.38 -5.10
N PRO A 328 -2.94 -32.57 -5.40
CA PRO A 328 -3.17 -33.14 -6.74
C PRO A 328 -4.61 -33.56 -6.97
N HIS A 329 -5.06 -33.41 -8.22
CA HIS A 329 -6.39 -33.82 -8.64
C HIS A 329 -6.31 -34.37 -10.06
N PHE A 330 -7.31 -35.19 -10.40
CA PHE A 330 -7.53 -35.63 -11.77
C PHE A 330 -8.80 -34.99 -12.31
N THR A 331 -8.76 -34.55 -13.56
CA THR A 331 -9.87 -33.80 -14.12
C THR A 331 -9.82 -33.89 -15.64
N CYS A 332 -10.90 -33.41 -16.26
CA CYS A 332 -10.97 -33.34 -17.72
C CYS A 332 -10.68 -31.92 -18.19
N ASP A 335 -14.90 -30.52 -17.07
CA ASP A 335 -15.20 -31.11 -15.78
C ASP A 335 -15.79 -30.06 -14.84
N THR A 336 -17.11 -30.12 -14.65
CA THR A 336 -17.82 -29.05 -13.97
C THR A 336 -17.35 -28.83 -12.54
N GLU A 337 -16.76 -29.85 -11.91
CA GLU A 337 -16.44 -29.77 -10.49
C GLU A 337 -15.15 -29.02 -10.19
N ASN A 338 -14.37 -28.65 -11.21
CA ASN A 338 -13.06 -28.07 -10.94
C ASN A 338 -13.17 -26.79 -10.12
N ALA A 339 -14.26 -26.04 -10.27
CA ALA A 339 -14.48 -24.91 -9.38
C ALA A 339 -14.60 -25.39 -7.94
N ARG A 340 -15.28 -26.50 -7.71
CA ARG A 340 -15.49 -26.99 -6.35
C ARG A 340 -14.19 -27.52 -5.75
N ARG A 341 -13.39 -28.24 -6.53
CA ARG A 341 -12.10 -28.69 -6.02
C ARG A 341 -11.27 -27.50 -5.56
N ILE A 342 -11.24 -26.44 -6.36
CA ILE A 342 -10.48 -25.26 -5.98
C ILE A 342 -11.07 -24.64 -4.72
N PHE A 343 -12.39 -24.56 -4.65
CA PHE A 343 -13.04 -24.00 -3.46
C PHE A 343 -12.62 -24.75 -2.21
N ASN A 344 -12.69 -26.08 -2.26
CA ASN A 344 -12.34 -26.88 -1.09
C ASN A 344 -10.87 -26.77 -0.74
N ASP A 345 -9.98 -26.86 -1.74
CA ASP A 345 -8.56 -26.79 -1.41
C ASP A 345 -8.17 -25.39 -0.95
N CYS A 346 -8.87 -24.36 -1.40
CA CYS A 346 -8.61 -23.02 -0.91
C CYS A 346 -9.09 -22.87 0.52
N LYS A 347 -10.25 -23.42 0.84
CA LYS A 347 -10.68 -23.45 2.24
C LYS A 347 -9.65 -24.16 3.10
N ASP A 348 -9.10 -25.26 2.61
CA ASP A 348 -8.10 -25.99 3.39
C ASP A 348 -6.82 -25.19 3.54
N ILE A 349 -6.37 -24.53 2.47
CA ILE A 349 -5.16 -23.70 2.57
C ILE A 349 -5.37 -22.59 3.58
N ILE A 350 -6.53 -21.93 3.52
CA ILE A 350 -6.80 -20.85 4.46
C ILE A 350 -6.89 -21.38 5.89
N LEU A 351 -7.49 -22.55 6.07
CA LEU A 351 -7.56 -23.15 7.40
C LEU A 351 -6.18 -23.42 7.95
N GLN A 352 -5.30 -23.99 7.14
CA GLN A 352 -3.93 -24.24 7.60
C GLN A 352 -3.19 -22.94 7.88
N MET A 353 -3.43 -21.91 7.07
CA MET A 353 -2.82 -20.63 7.34
C MET A 353 -3.26 -20.08 8.68
N ASN A 354 -4.55 -20.22 9.00
CA ASN A 354 -5.02 -19.79 10.31
C ASN A 354 -4.36 -20.60 11.41
N LEU A 355 -4.37 -21.92 11.29
CA LEU A 355 -3.74 -22.77 12.30
C LEU A 355 -2.33 -22.30 12.59
N ARG A 356 -1.57 -21.98 11.55
CA ARG A 356 -0.24 -21.42 11.78
C ARG A 356 -0.34 -20.07 12.47
N GLU A 357 -1.28 -19.23 12.04
CA GLU A 357 -1.30 -17.85 12.50
C GLU A 357 -1.83 -17.72 13.92
N TYR A 358 -2.91 -18.44 14.24
CA TYR A 358 -3.50 -18.36 15.56
C TYR A 358 -2.70 -19.08 16.63
N ASN A 359 -1.52 -19.59 16.29
CA ASN A 359 -0.65 -20.34 17.19
C ASN A 359 -1.28 -21.65 17.66
N LEU A 360 -2.38 -22.08 17.03
CA LEU A 360 -2.93 -23.40 17.31
C LEU A 360 -1.90 -24.47 17.00
N GLU B 8 31.32 -18.81 -41.43
CA GLU B 8 30.93 -19.91 -40.52
C GLU B 8 30.79 -19.42 -39.08
N LEU B 9 29.93 -20.10 -38.31
CA LEU B 9 29.66 -19.69 -36.94
C LEU B 9 30.93 -19.62 -36.12
N ASP B 10 31.82 -20.60 -36.28
CA ASP B 10 33.05 -20.60 -35.50
C ASP B 10 33.86 -19.34 -35.76
N GLN B 11 34.02 -18.97 -37.03
CA GLN B 11 34.84 -17.79 -37.34
C GLN B 11 34.19 -16.52 -36.82
N LEU B 12 32.86 -16.41 -36.96
CA LEU B 12 32.17 -15.24 -36.45
C LEU B 12 32.36 -15.13 -34.94
N ARG B 13 32.21 -16.24 -34.23
CA ARG B 13 32.35 -16.21 -32.78
C ARG B 13 33.78 -15.90 -32.36
N GLN B 14 34.76 -16.41 -33.11
CA GLN B 14 36.15 -16.06 -32.82
C GLN B 14 36.41 -14.57 -33.02
N GLU B 15 35.90 -14.01 -34.12
CA GLU B 15 36.01 -12.57 -34.32
C GLU B 15 35.31 -11.82 -33.19
N ALA B 16 34.17 -12.33 -32.73
CA ALA B 16 33.50 -11.71 -31.60
C ALA B 16 34.39 -11.69 -30.38
N GLU B 17 35.07 -12.81 -30.11
CA GLU B 17 35.91 -12.90 -28.92
C GLU B 17 37.12 -11.98 -29.05
N GLN B 18 37.72 -11.91 -30.23
CA GLN B 18 38.87 -11.02 -30.39
C GLN B 18 38.45 -9.56 -30.27
N LEU B 19 37.29 -9.20 -30.81
CA LEU B 19 36.77 -7.85 -30.60
C LEU B 19 36.52 -7.58 -29.12
N LYS B 20 35.94 -8.56 -28.43
CA LYS B 20 35.70 -8.42 -27.00
C LYS B 20 37.00 -8.15 -26.27
N ASN B 21 38.06 -8.89 -26.62
CA ASN B 21 39.35 -8.68 -25.97
C ASN B 21 39.97 -7.33 -26.34
N GLN B 22 39.77 -6.87 -27.57
CA GLN B 22 40.20 -5.52 -27.92
C GLN B 22 39.52 -4.50 -27.03
N ILE B 23 38.20 -4.60 -26.89
CA ILE B 23 37.46 -3.67 -26.05
C ILE B 23 37.97 -3.75 -24.61
N ARG B 24 38.13 -4.96 -24.10
CA ARG B 24 38.62 -5.15 -22.74
C ARG B 24 39.97 -4.49 -22.55
N ASP B 25 40.88 -4.69 -23.51
CA ASP B 25 42.22 -4.13 -23.38
C ASP B 25 42.20 -2.61 -23.46
N ALA B 26 41.39 -2.04 -24.34
CA ALA B 26 41.28 -0.59 -24.38
C ALA B 26 40.79 -0.06 -23.04
N ARG B 27 39.73 -0.66 -22.51
CA ARG B 27 39.19 -0.22 -21.23
C ARG B 27 40.24 -0.34 -20.13
N LYS B 28 40.98 -1.45 -20.11
CA LYS B 28 42.00 -1.63 -19.08
C LYS B 28 43.14 -0.64 -19.23
N ALA B 29 43.52 -0.31 -20.47
CA ALA B 29 44.55 0.69 -20.67
C ALA B 29 44.09 2.07 -20.21
N CYS B 30 42.80 2.36 -20.38
CA CYS B 30 42.26 3.61 -19.85
C CYS B 30 42.19 3.60 -18.32
N ALA B 31 42.19 2.43 -17.69
CA ALA B 31 41.97 2.30 -16.26
C ALA B 31 43.27 2.53 -15.47
N ASP B 32 43.77 3.76 -15.54
CA ASP B 32 45.00 4.08 -14.82
C ASP B 32 44.76 4.19 -13.32
N ALA B 33 44.00 5.18 -12.89
CA ALA B 33 43.71 5.39 -11.49
C ALA B 33 42.39 4.71 -11.12
N THR B 34 41.89 4.99 -9.92
CA THR B 34 40.57 4.53 -9.50
C THR B 34 39.86 5.69 -8.83
N LEU B 35 38.52 5.62 -8.82
CA LEU B 35 37.76 6.67 -8.18
C LEU B 35 38.15 6.79 -6.72
N SER B 36 38.24 5.66 -6.02
CA SER B 36 38.66 5.70 -4.61
C SER B 36 40.08 6.24 -4.50
N GLN B 37 40.98 5.80 -5.38
CA GLN B 37 42.37 6.25 -5.31
C GLN B 37 42.48 7.77 -5.39
N ILE B 38 41.50 8.42 -6.02
CA ILE B 38 41.46 9.87 -6.04
C ILE B 38 40.76 10.42 -4.81
N THR B 39 39.65 9.79 -4.42
CA THR B 39 38.81 10.35 -3.37
C THR B 39 39.32 10.06 -1.96
N ASN B 40 40.49 9.42 -1.82
CA ASN B 40 41.10 9.33 -0.49
C ASN B 40 41.22 10.70 0.15
N ASN B 41 41.49 11.73 -0.65
CA ASN B 41 41.65 13.09 -0.15
C ASN B 41 40.32 13.83 0.02
N ILE B 42 39.22 13.31 -0.52
CA ILE B 42 37.95 14.00 -0.40
C ILE B 42 37.45 13.92 1.03
N ASP B 43 36.91 15.02 1.52
CA ASP B 43 36.32 15.06 2.85
C ASP B 43 35.09 14.16 2.88
N PRO B 44 35.01 13.20 3.78
CA PRO B 44 33.85 12.28 3.78
C PRO B 44 32.57 12.99 4.17
N VAL B 45 31.45 12.38 3.76
CA VAL B 45 30.14 12.92 4.10
C VAL B 45 29.82 12.68 5.57
N GLY B 46 30.41 11.65 6.19
CA GLY B 46 30.04 11.30 7.53
C GLY B 46 28.64 10.73 7.58
N ARG B 47 28.07 10.70 8.77
CA ARG B 47 26.73 10.16 8.93
C ARG B 47 25.71 11.10 8.31
N ILE B 48 24.70 10.52 7.67
CA ILE B 48 23.49 11.22 7.27
C ILE B 48 22.31 10.53 7.93
N GLN B 49 21.52 11.30 8.67
CA GLN B 49 20.25 10.83 9.19
C GLN B 49 19.13 11.60 8.53
N MET B 50 18.10 10.87 8.10
CA MET B 50 16.93 11.45 7.46
C MET B 50 15.70 10.88 8.16
N ARG B 51 14.80 11.76 8.55
CA ARG B 51 13.60 11.34 9.27
C ARG B 51 12.42 11.27 8.31
N THR B 52 11.53 10.33 8.58
CA THR B 52 10.27 10.24 7.83
C THR B 52 9.44 11.49 8.04
N ARG B 53 9.27 12.29 7.00
CA ARG B 53 8.46 13.50 7.12
C ARG B 53 6.99 13.26 6.82
N ARG B 54 6.67 12.21 6.06
CA ARG B 54 5.30 11.91 5.72
C ARG B 54 5.15 10.41 5.58
N THR B 55 3.91 9.95 5.66
CA THR B 55 3.57 8.58 5.32
C THR B 55 2.24 8.58 4.59
N LEU B 56 2.19 7.89 3.47
CA LEU B 56 1.04 7.90 2.59
C LEU B 56 0.42 6.51 2.61
N ARG B 57 -0.83 6.42 3.08
CA ARG B 57 -1.38 5.15 3.53
C ARG B 57 -2.57 4.69 2.71
N GLY B 58 -2.63 5.02 1.43
CA GLY B 58 -3.81 4.70 0.66
C GLY B 58 -3.83 3.30 0.06
N HIS B 59 -2.67 2.82 -0.39
CA HIS B 59 -2.64 1.65 -1.25
C HIS B 59 -3.06 0.38 -0.52
N LEU B 60 -3.86 -0.44 -1.21
CA LEU B 60 -4.35 -1.69 -0.63
C LEU B 60 -3.31 -2.79 -0.61
N ALA B 61 -2.27 -2.72 -1.42
CA ALA B 61 -1.36 -3.84 -1.59
C ALA B 61 0.05 -3.33 -1.86
N LYS B 62 0.91 -4.25 -2.25
CA LYS B 62 2.32 -3.95 -2.45
C LYS B 62 2.50 -2.83 -3.45
N ILE B 63 3.28 -1.82 -3.07
CA ILE B 63 3.58 -0.71 -3.95
C ILE B 63 4.77 -1.07 -4.82
N TYR B 64 4.62 -0.93 -6.13
CA TYR B 64 5.62 -1.37 -7.08
C TYR B 64 6.46 -0.24 -7.65
N ALA B 65 5.87 0.91 -7.92
CA ALA B 65 6.64 2.01 -8.46
C ALA B 65 6.07 3.32 -7.97
N MET B 66 6.93 4.33 -7.92
CA MET B 66 6.54 5.70 -7.68
C MET B 66 7.38 6.60 -8.56
N HIS B 67 6.85 7.78 -8.86
CA HIS B 67 7.61 8.77 -9.60
C HIS B 67 7.18 10.16 -9.17
N TRP B 68 8.15 11.07 -9.08
CA TRP B 68 7.87 12.45 -8.72
C TRP B 68 7.49 13.25 -9.95
N GLY B 69 6.49 14.11 -9.80
CA GLY B 69 6.24 15.11 -10.82
C GLY B 69 7.36 16.12 -10.90
N THR B 70 7.43 16.84 -12.01
CA THR B 70 8.49 17.83 -12.15
C THR B 70 8.31 18.96 -11.15
N ASP B 71 7.08 19.41 -10.96
CA ASP B 71 6.80 20.32 -9.86
C ASP B 71 6.91 19.50 -8.60
N SER B 72 8.10 19.45 -8.01
CA SER B 72 8.49 18.33 -7.15
C SER B 72 7.69 18.28 -5.86
N ARG B 73 6.40 18.27 -6.01
CA ARG B 73 5.47 18.15 -4.90
C ARG B 73 4.45 17.06 -5.13
N LEU B 74 3.96 16.91 -6.36
CA LEU B 74 3.03 15.85 -6.69
C LEU B 74 3.79 14.56 -6.97
N LEU B 75 3.14 13.45 -6.70
CA LEU B 75 3.80 12.15 -6.72
C LEU B 75 2.77 11.11 -7.12
N VAL B 76 3.17 10.17 -7.96
CA VAL B 76 2.31 9.05 -8.36
C VAL B 76 2.98 7.77 -7.90
N SER B 77 2.17 6.81 -7.50
CA SER B 77 2.67 5.49 -7.15
C SER B 77 1.67 4.46 -7.62
N ALA B 78 2.16 3.25 -7.83
CA ALA B 78 1.35 2.13 -8.31
C ALA B 78 1.50 0.97 -7.34
N SER B 79 0.42 0.22 -7.18
CA SER B 79 0.46 -0.98 -6.35
C SER B 79 -0.30 -2.08 -7.05
N GLN B 80 0.06 -3.31 -6.71
CA GLN B 80 -0.43 -4.44 -7.48
C GLN B 80 -1.91 -4.69 -7.28
N ASP B 81 -2.54 -3.95 -6.37
CA ASP B 81 -3.99 -4.00 -6.21
C ASP B 81 -4.73 -3.35 -7.36
N GLY B 82 -4.02 -2.83 -8.36
CA GLY B 82 -4.65 -2.19 -9.49
C GLY B 82 -5.10 -0.78 -9.19
N LYS B 83 -4.19 0.06 -8.70
CA LYS B 83 -4.49 1.44 -8.38
C LYS B 83 -3.28 2.31 -8.70
N LEU B 84 -3.54 3.44 -9.33
CA LEU B 84 -2.59 4.55 -9.39
C LEU B 84 -3.13 5.68 -8.53
N ILE B 85 -2.29 6.21 -7.65
CA ILE B 85 -2.66 7.30 -6.77
C ILE B 85 -1.69 8.44 -6.98
N ILE B 86 -2.21 9.66 -7.10
CA ILE B 86 -1.40 10.86 -7.17
C ILE B 86 -1.51 11.55 -5.82
N TRP B 87 -0.37 11.73 -5.16
CA TRP B 87 -0.31 12.23 -3.80
C TRP B 87 0.18 13.66 -3.82
N ASP B 88 -0.45 14.52 -3.03
CA ASP B 88 0.14 15.81 -2.72
C ASP B 88 1.16 15.59 -1.61
N SER B 89 2.45 15.64 -1.95
CA SER B 89 3.47 15.24 -1.00
C SER B 89 3.57 16.16 0.20
N TYR B 90 3.00 17.36 0.13
CA TYR B 90 3.02 18.26 1.28
C TYR B 90 1.85 17.96 2.22
N THR B 91 0.63 18.08 1.72
CA THR B 91 -0.53 17.84 2.55
C THR B 91 -0.88 16.37 2.70
N THR B 92 -0.24 15.49 1.93
CA THR B 92 -0.57 14.07 1.87
C THR B 92 -1.98 13.82 1.39
N ASN B 93 -2.62 14.79 0.76
CA ASN B 93 -3.91 14.55 0.13
C ASN B 93 -3.74 13.64 -1.06
N LYS B 94 -4.74 12.83 -1.32
CA LYS B 94 -4.83 12.07 -2.55
C LYS B 94 -5.47 12.94 -3.62
N VAL B 95 -4.67 13.39 -4.58
CA VAL B 95 -5.21 14.24 -5.65
C VAL B 95 -6.09 13.42 -6.59
N HIS B 96 -5.65 12.23 -6.96
CA HIS B 96 -6.42 11.34 -7.83
C HIS B 96 -6.18 9.91 -7.38
N ALA B 97 -7.20 9.08 -7.56
CA ALA B 97 -7.05 7.63 -7.47
C ALA B 97 -7.56 7.03 -8.77
N ILE B 98 -6.72 6.25 -9.43
CA ILE B 98 -6.97 5.78 -10.78
C ILE B 98 -7.11 4.27 -10.75
N PRO B 99 -8.28 3.71 -11.05
CA PRO B 99 -8.38 2.25 -11.19
C PRO B 99 -7.81 1.78 -12.52
N LEU B 100 -6.77 0.97 -12.46
CA LEU B 100 -6.12 0.45 -13.66
C LEU B 100 -6.84 -0.80 -14.13
N ARG B 101 -6.73 -1.06 -15.44
CA ARG B 101 -7.40 -2.22 -16.03
C ARG B 101 -6.68 -3.50 -15.69
N SER B 102 -5.35 -3.48 -15.61
CA SER B 102 -4.55 -4.62 -15.23
C SER B 102 -4.01 -4.43 -13.82
N SER B 103 -4.25 -5.42 -12.96
CA SER B 103 -3.90 -5.29 -11.56
C SER B 103 -2.39 -5.31 -11.33
N TRP B 104 -1.65 -6.03 -12.18
CA TRP B 104 -0.25 -6.30 -11.88
C TRP B 104 0.69 -5.26 -12.49
N VAL B 105 0.45 -3.99 -12.20
CA VAL B 105 1.30 -2.94 -12.72
C VAL B 105 2.65 -2.96 -12.03
N MET B 106 3.71 -2.88 -12.81
CA MET B 106 5.06 -2.97 -12.31
C MET B 106 5.84 -1.67 -12.43
N THR B 107 5.32 -0.67 -13.15
CA THR B 107 6.00 0.61 -13.24
C THR B 107 4.99 1.70 -13.51
N CYS B 108 5.35 2.92 -13.12
CA CYS B 108 4.58 4.11 -13.45
C CYS B 108 5.57 5.25 -13.65
N ALA B 109 5.13 6.26 -14.38
CA ALA B 109 5.95 7.44 -14.59
C ALA B 109 5.06 8.66 -14.71
N TYR B 110 5.67 9.81 -14.46
CA TYR B 110 4.98 11.10 -14.46
C TYR B 110 5.48 11.94 -15.62
N ALA B 111 4.57 12.45 -16.44
CA ALA B 111 4.98 13.30 -17.53
C ALA B 111 5.68 14.54 -16.97
N PRO B 112 6.78 14.98 -17.58
CA PRO B 112 7.45 16.19 -17.06
C PRO B 112 6.59 17.43 -17.17
N SER B 113 5.61 17.45 -18.07
CA SER B 113 4.65 18.55 -18.10
C SER B 113 3.58 18.39 -17.03
N GLY B 114 3.46 17.21 -16.44
CA GLY B 114 2.45 16.96 -15.43
C GLY B 114 1.08 16.65 -15.96
N ASN B 115 0.92 16.55 -17.27
CA ASN B 115 -0.41 16.32 -17.82
C ASN B 115 -0.78 14.85 -17.87
N TYR B 116 0.20 13.95 -17.95
CA TYR B 116 -0.04 12.54 -18.11
C TYR B 116 0.77 11.74 -17.13
N VAL B 117 0.24 10.58 -16.76
CA VAL B 117 1.01 9.53 -16.08
C VAL B 117 0.93 8.28 -16.93
N ALA B 118 2.02 7.52 -16.94
CA ALA B 118 2.06 6.23 -17.59
C ALA B 118 2.21 5.15 -16.54
N CYS B 119 1.62 3.99 -16.81
CA CYS B 119 1.81 2.82 -15.98
C CYS B 119 1.66 1.58 -16.84
N GLY B 120 2.31 0.51 -16.42
CA GLY B 120 2.20 -0.75 -17.14
C GLY B 120 2.74 -1.87 -16.30
N GLY B 121 2.60 -3.09 -16.82
CA GLY B 121 2.98 -4.26 -16.06
C GLY B 121 2.81 -5.57 -16.81
N LEU B 122 2.27 -6.57 -16.13
CA LEU B 122 2.18 -7.89 -16.72
C LEU B 122 1.25 -7.95 -17.92
N ASP B 123 0.45 -6.92 -18.16
CA ASP B 123 -0.40 -6.92 -19.33
C ASP B 123 0.35 -6.47 -20.58
N ASN B 124 1.63 -6.14 -20.47
CA ASN B 124 2.48 -5.78 -21.60
C ASN B 124 2.08 -4.47 -22.25
N ILE B 125 1.11 -3.76 -21.67
CA ILE B 125 0.59 -2.53 -22.23
C ILE B 125 1.03 -1.37 -21.36
N CYS B 126 1.63 -0.36 -21.98
CA CYS B 126 1.89 0.92 -21.31
C CYS B 126 0.70 1.84 -21.55
N SER B 127 -0.08 2.09 -20.51
CA SER B 127 -1.23 2.96 -20.61
C SER B 127 -0.84 4.38 -20.20
N ILE B 128 -1.18 5.36 -21.02
CA ILE B 128 -1.02 6.76 -20.70
C ILE B 128 -2.37 7.30 -20.25
N TYR B 129 -2.39 8.00 -19.13
CA TYR B 129 -3.61 8.55 -18.56
C TYR B 129 -3.55 10.06 -18.64
N ASN B 130 -4.65 10.66 -19.10
CA ASN B 130 -4.75 12.11 -19.19
C ASN B 130 -5.29 12.65 -17.86
N LEU B 131 -4.44 13.36 -17.13
CA LEU B 131 -4.84 13.90 -15.83
C LEU B 131 -5.70 15.14 -15.96
N LYS B 132 -5.59 15.87 -17.06
CA LYS B 132 -6.13 17.22 -17.15
C LYS B 132 -7.25 17.29 -18.19
N THR B 133 -8.13 16.32 -18.20
CA THR B 133 -9.30 16.36 -19.06
C THR B 133 -10.24 17.48 -18.61
N ARG B 134 -11.08 17.93 -19.54
CA ARG B 134 -12.11 18.88 -19.15
C ARG B 134 -13.26 18.23 -18.41
N GLU B 135 -13.50 16.93 -18.65
CA GLU B 135 -14.59 16.25 -17.96
C GLU B 135 -14.35 16.12 -16.47
N GLY B 136 -13.11 16.31 -16.01
CA GLY B 136 -12.81 16.23 -14.60
C GLY B 136 -12.38 14.87 -14.09
N ASN B 137 -12.53 13.81 -14.88
CA ASN B 137 -11.97 12.53 -14.51
C ASN B 137 -10.63 12.33 -15.20
N VAL B 138 -9.92 11.29 -14.78
CA VAL B 138 -8.69 10.85 -15.43
C VAL B 138 -9.02 9.68 -16.34
N ARG B 139 -8.76 9.85 -17.63
CA ARG B 139 -9.05 8.85 -18.65
C ARG B 139 -7.74 8.36 -19.27
N VAL B 140 -7.77 7.15 -19.80
CA VAL B 140 -6.63 6.64 -20.54
C VAL B 140 -6.53 7.41 -21.85
N SER B 141 -5.36 7.97 -22.11
CA SER B 141 -5.14 8.66 -23.37
C SER B 141 -4.87 7.65 -24.48
N ARG B 142 -3.98 6.69 -24.22
CA ARG B 142 -3.61 5.71 -25.21
C ARG B 142 -3.07 4.48 -24.50
N GLU B 143 -3.11 3.36 -25.20
CA GLU B 143 -2.53 2.10 -24.74
C GLU B 143 -1.46 1.68 -25.75
N LEU B 144 -0.26 1.40 -25.26
CA LEU B 144 0.87 1.08 -26.13
C LEU B 144 1.08 -0.43 -26.10
N ALA B 145 0.53 -1.13 -27.09
CA ALA B 145 0.36 -2.58 -27.03
C ALA B 145 1.52 -3.37 -27.63
N GLY B 146 2.43 -2.74 -28.36
CA GLY B 146 3.33 -3.49 -29.20
C GLY B 146 4.33 -4.40 -28.51
N HIS B 147 4.51 -4.32 -27.20
CA HIS B 147 5.49 -5.15 -26.54
C HIS B 147 5.01 -6.59 -26.40
N THR B 148 5.96 -7.52 -26.34
CA THR B 148 5.68 -8.95 -26.22
C THR B 148 6.19 -9.50 -24.89
N GLY B 149 6.07 -8.73 -23.83
CA GLY B 149 6.57 -9.12 -22.53
C GLY B 149 6.11 -8.09 -21.52
N TYR B 150 6.26 -8.44 -20.25
CA TYR B 150 5.84 -7.52 -19.20
C TYR B 150 6.65 -6.24 -19.28
N LEU B 151 5.98 -5.12 -19.03
CA LEU B 151 6.64 -3.82 -19.04
C LEU B 151 7.32 -3.59 -17.71
N SER B 152 8.64 -3.45 -17.72
CA SER B 152 9.36 -3.26 -16.48
C SER B 152 9.56 -1.81 -16.11
N CYS B 153 9.63 -0.91 -17.10
CA CYS B 153 9.85 0.50 -16.79
C CYS B 153 9.40 1.34 -17.97
N CYS B 154 8.92 2.54 -17.68
CA CYS B 154 8.65 3.53 -18.70
C CYS B 154 9.04 4.90 -18.16
N ARG B 155 9.41 5.79 -19.07
CA ARG B 155 9.85 7.13 -18.71
C ARG B 155 9.45 8.06 -19.83
N PHE B 156 8.69 9.10 -19.51
CA PHE B 156 8.32 10.08 -20.52
C PHE B 156 9.55 10.86 -20.96
N LEU B 157 9.67 11.08 -22.27
CA LEU B 157 10.58 12.10 -22.77
C LEU B 157 9.88 13.44 -22.86
N ASP B 158 8.64 13.43 -23.33
CA ASP B 158 7.77 14.59 -23.28
C ASP B 158 6.37 14.11 -23.62
N ASP B 159 5.41 15.03 -23.60
CA ASP B 159 4.01 14.63 -23.68
C ASP B 159 3.71 13.75 -24.88
N ASN B 160 4.62 13.61 -25.84
CA ASN B 160 4.36 12.78 -27.00
C ASN B 160 5.34 11.62 -27.19
N GLN B 161 6.42 11.53 -26.42
CA GLN B 161 7.39 10.46 -26.59
C GLN B 161 7.70 9.81 -25.25
N ILE B 162 7.59 8.49 -25.20
CA ILE B 162 7.84 7.72 -23.99
C ILE B 162 8.67 6.49 -24.33
N VAL B 163 9.71 6.25 -23.57
CA VAL B 163 10.53 5.06 -23.70
C VAL B 163 10.00 3.99 -22.77
N THR B 164 10.08 2.74 -23.19
CA THR B 164 9.62 1.63 -22.38
C THR B 164 10.69 0.55 -22.35
N SER B 165 10.61 -0.27 -21.32
CA SER B 165 11.47 -1.42 -21.14
C SER B 165 10.55 -2.61 -20.89
N SER B 166 10.91 -3.77 -21.41
CA SER B 166 9.99 -4.89 -21.37
C SER B 166 10.73 -6.18 -21.05
N GLY B 167 10.00 -7.22 -20.64
CA GLY B 167 10.61 -8.51 -20.36
C GLY B 167 10.91 -9.24 -21.64
N ASP B 168 10.37 -8.77 -22.78
CA ASP B 168 10.70 -9.35 -24.07
C ASP B 168 12.05 -8.96 -24.55
N THR B 169 12.89 -8.35 -23.75
CA THR B 169 14.28 -8.03 -24.03
C THR B 169 14.44 -6.74 -24.84
N THR B 170 13.36 -6.12 -25.29
CA THR B 170 13.47 -4.90 -26.07
C THR B 170 13.05 -3.69 -25.26
N CYS B 171 13.77 -2.59 -25.43
CA CYS B 171 13.30 -1.26 -25.10
C CYS B 171 12.81 -0.60 -26.37
N ALA B 172 11.81 0.27 -26.22
CA ALA B 172 11.16 0.86 -27.38
C ALA B 172 10.96 2.33 -27.15
N LEU B 173 10.92 3.09 -28.23
CA LEU B 173 10.49 4.48 -28.21
C LEU B 173 9.18 4.59 -28.98
N TRP B 174 8.24 5.34 -28.42
CA TRP B 174 6.89 5.39 -28.93
C TRP B 174 6.52 6.82 -29.29
N ASP B 175 5.67 6.93 -30.29
CA ASP B 175 4.98 8.17 -30.60
C ASP B 175 3.58 8.05 -30.02
N ILE B 176 3.28 8.82 -28.98
CA ILE B 176 2.04 8.60 -28.25
C ILE B 176 0.84 9.08 -29.06
N GLU B 177 1.01 10.12 -29.87
CA GLU B 177 -0.12 10.60 -30.66
C GLU B 177 -0.72 9.47 -31.50
N THR B 178 0.14 8.71 -32.16
CA THR B 178 -0.31 7.61 -33.01
C THR B 178 -0.43 6.29 -32.25
N GLY B 179 0.51 6.01 -31.35
CA GLY B 179 0.56 4.75 -30.65
C GLY B 179 1.51 3.75 -31.24
N GLN B 180 2.29 4.13 -32.24
CA GLN B 180 3.24 3.23 -32.88
C GLN B 180 4.60 3.33 -32.21
N GLN B 181 5.39 2.28 -32.38
CA GLN B 181 6.80 2.37 -32.02
C GLN B 181 7.53 3.20 -33.04
N THR B 182 8.34 4.15 -32.57
CA THR B 182 9.19 4.90 -33.49
C THR B 182 10.49 4.16 -33.77
N THR B 183 11.14 3.64 -32.73
CA THR B 183 12.35 2.87 -32.89
C THR B 183 12.45 1.89 -31.75
N THR B 184 12.92 0.69 -32.07
CA THR B 184 13.02 -0.40 -31.11
C THR B 184 14.48 -0.67 -30.82
N PHE B 185 14.80 -0.88 -29.55
CA PHE B 185 16.15 -1.11 -29.09
C PHE B 185 16.24 -2.56 -28.64
N THR B 186 17.15 -3.33 -29.25
CA THR B 186 17.05 -4.78 -29.19
C THR B 186 18.24 -5.50 -28.58
N GLY B 187 19.43 -4.91 -28.59
CA GLY B 187 20.65 -5.65 -28.30
C GLY B 187 20.73 -6.43 -27.00
N HIS B 188 19.72 -6.36 -26.14
CA HIS B 188 19.78 -7.11 -24.89
C HIS B 188 19.51 -8.59 -25.15
N THR B 189 19.78 -9.40 -24.12
CA THR B 189 19.55 -10.84 -24.20
C THR B 189 18.61 -11.29 -23.11
N GLY B 190 18.66 -10.71 -21.90
CA GLY B 190 17.73 -11.04 -20.83
C GLY B 190 16.60 -10.01 -20.71
N ASP B 191 15.65 -10.27 -19.81
CA ASP B 191 14.52 -9.35 -19.63
C ASP B 191 15.02 -7.98 -19.18
N VAL B 192 14.55 -6.90 -19.80
CA VAL B 192 15.07 -5.57 -19.45
C VAL B 192 14.35 -5.20 -18.14
N MET B 193 14.99 -4.50 -17.18
CA MET B 193 14.42 -4.24 -15.87
C MET B 193 14.18 -2.78 -15.55
N SER B 194 15.05 -1.86 -15.98
CA SER B 194 14.86 -0.46 -15.63
C SER B 194 15.45 0.44 -16.69
N LEU B 195 14.95 1.67 -16.72
CA LEU B 195 15.37 2.71 -17.64
C LEU B 195 15.90 3.90 -16.87
N SER B 196 16.67 4.74 -17.55
CA SER B 196 16.97 6.07 -17.04
C SER B 196 17.27 6.97 -18.22
N LEU B 197 16.46 8.00 -18.42
CA LEU B 197 16.72 8.96 -19.48
C LEU B 197 17.81 9.91 -19.05
N ALA B 198 18.70 10.23 -19.98
CA ALA B 198 19.73 11.21 -19.68
C ALA B 198 19.08 12.53 -19.29
N PRO B 199 19.81 13.40 -18.60
CA PRO B 199 19.23 14.70 -18.26
C PRO B 199 18.67 15.43 -19.47
N ASP B 200 19.38 15.40 -20.59
CA ASP B 200 18.91 16.00 -21.83
C ASP B 200 18.02 15.07 -22.64
N THR B 201 17.91 13.81 -22.26
CA THR B 201 17.02 12.86 -22.92
C THR B 201 17.47 12.50 -24.34
N ARG B 202 18.74 12.73 -24.67
CA ARG B 202 19.27 12.24 -25.94
C ARG B 202 19.73 10.80 -25.85
N LEU B 203 20.22 10.36 -24.69
CA LEU B 203 20.61 8.98 -24.45
C LEU B 203 19.89 8.45 -23.22
N PHE B 204 19.77 7.12 -23.14
CA PHE B 204 19.28 6.50 -21.93
C PHE B 204 19.99 5.16 -21.73
N VAL B 205 19.92 4.66 -20.50
CA VAL B 205 20.59 3.43 -20.11
C VAL B 205 19.55 2.46 -19.59
N SER B 206 19.72 1.19 -19.91
CA SER B 206 18.77 0.17 -19.48
C SER B 206 19.52 -0.98 -18.86
N GLY B 207 18.93 -1.57 -17.82
CA GLY B 207 19.48 -2.73 -17.16
C GLY B 207 18.67 -3.95 -17.53
N ALA B 208 19.33 -5.10 -17.57
CA ALA B 208 18.69 -6.31 -18.07
C ALA B 208 19.13 -7.49 -17.21
N CYS B 209 18.35 -8.57 -17.32
CA CYS B 209 18.65 -9.79 -16.57
C CYS B 209 19.95 -10.43 -16.99
N ASP B 210 20.50 -10.07 -18.15
CA ASP B 210 21.81 -10.55 -18.54
C ASP B 210 22.94 -9.86 -17.80
N ALA B 211 22.64 -9.10 -16.75
CA ALA B 211 23.62 -8.43 -15.92
C ALA B 211 24.42 -7.39 -16.67
N SER B 212 24.03 -7.06 -17.90
CA SER B 212 24.69 -6.03 -18.67
C SER B 212 23.83 -4.79 -18.75
N ALA B 213 24.48 -3.64 -18.75
CA ALA B 213 23.83 -2.35 -18.94
C ALA B 213 24.20 -1.82 -20.32
N LYS B 214 23.26 -1.19 -20.98
CA LYS B 214 23.47 -0.67 -22.32
C LYS B 214 23.14 0.80 -22.37
N LEU B 215 23.84 1.52 -23.23
CA LEU B 215 23.58 2.93 -23.51
C LEU B 215 22.99 3.05 -24.90
N TRP B 216 21.83 3.69 -25.00
CA TRP B 216 21.08 3.75 -26.25
C TRP B 216 21.00 5.17 -26.74
N ASP B 217 21.00 5.33 -28.06
CA ASP B 217 20.77 6.63 -28.69
C ASP B 217 19.30 6.73 -29.04
N VAL B 218 18.61 7.70 -28.44
CA VAL B 218 17.17 7.79 -28.60
C VAL B 218 16.81 8.04 -30.06
N ARG B 219 17.67 8.75 -30.79
CA ARG B 219 17.40 9.10 -32.18
C ARG B 219 17.99 8.09 -33.16
N GLU B 220 19.27 7.77 -33.02
CA GLU B 220 19.88 6.78 -33.90
C GLU B 220 19.32 5.39 -33.67
N GLY B 221 18.83 5.09 -32.47
CA GLY B 221 18.24 3.80 -32.20
C GLY B 221 19.20 2.66 -32.00
N MET B 222 20.48 2.95 -31.75
CA MET B 222 21.52 1.92 -31.73
C MET B 222 22.28 1.97 -30.41
N CYS B 223 22.74 0.79 -29.98
CA CYS B 223 23.43 0.64 -28.70
C CYS B 223 24.82 1.23 -28.82
N ARG B 224 25.09 2.30 -28.08
CA ARG B 224 26.41 2.92 -28.16
C ARG B 224 27.44 2.16 -27.33
N GLN B 225 27.04 1.61 -26.19
CA GLN B 225 27.98 0.93 -25.32
C GLN B 225 27.25 -0.16 -24.55
N THR B 226 27.99 -1.15 -24.09
CA THR B 226 27.48 -2.18 -23.21
C THR B 226 28.38 -2.33 -22.01
N PHE B 227 27.78 -2.45 -20.83
CA PHE B 227 28.51 -2.62 -19.57
C PHE B 227 28.10 -3.93 -18.95
N THR B 228 29.05 -4.63 -18.32
CA THR B 228 28.82 -6.01 -17.91
C THR B 228 29.42 -6.37 -16.56
N GLY B 229 29.64 -5.40 -15.66
CA GLY B 229 30.35 -5.69 -14.44
C GLY B 229 29.62 -6.57 -13.47
N HIS B 230 28.29 -6.52 -13.45
CA HIS B 230 27.55 -7.19 -12.41
C HIS B 230 27.62 -8.71 -12.58
N GLU B 231 27.21 -9.42 -11.53
CA GLU B 231 27.20 -10.87 -11.50
C GLU B 231 25.79 -11.44 -11.50
N SER B 232 24.77 -10.61 -11.68
CA SER B 232 23.39 -11.06 -11.63
C SER B 232 22.53 -10.05 -12.35
N ASP B 233 21.21 -10.33 -12.36
CA ASP B 233 20.24 -9.46 -12.98
C ASP B 233 20.27 -8.06 -12.38
N ILE B 234 20.27 -7.04 -13.23
CA ILE B 234 20.24 -5.64 -12.80
C ILE B 234 18.79 -5.23 -12.60
N ASN B 235 18.42 -4.91 -11.36
CA ASN B 235 17.05 -4.48 -11.09
C ASN B 235 16.87 -2.97 -11.23
N ALA B 236 17.93 -2.19 -11.07
CA ALA B 236 17.80 -0.75 -10.97
C ALA B 236 18.93 -0.05 -11.70
N ILE B 237 18.60 1.06 -12.36
CA ILE B 237 19.61 1.88 -13.03
C ILE B 237 19.18 3.34 -12.93
N CYS B 238 20.15 4.23 -12.78
CA CYS B 238 19.88 5.64 -12.59
C CYS B 238 21.03 6.47 -13.13
N PHE B 239 20.72 7.56 -13.84
CA PHE B 239 21.76 8.41 -14.42
C PHE B 239 22.32 9.40 -13.41
N PHE B 240 23.61 9.71 -13.51
CA PHE B 240 24.22 10.70 -12.65
C PHE B 240 23.58 11.98 -13.14
N PRO B 241 23.45 13.00 -12.26
CA PRO B 241 22.78 14.23 -12.67
C PRO B 241 23.46 14.95 -13.82
N ASN B 242 24.76 14.78 -14.01
CA ASN B 242 25.42 15.42 -15.14
C ASN B 242 25.31 14.62 -16.42
N GLY B 243 24.77 13.41 -16.35
CA GLY B 243 24.54 12.60 -17.54
C GLY B 243 25.73 11.85 -18.08
N ASN B 244 26.85 11.81 -17.35
CA ASN B 244 28.06 11.14 -17.81
C ASN B 244 28.35 9.83 -17.09
N ALA B 245 27.63 9.52 -16.02
CA ALA B 245 27.81 8.27 -15.30
C ALA B 245 26.45 7.78 -14.83
N PHE B 246 26.38 6.49 -14.53
CA PHE B 246 25.13 5.94 -14.01
C PHE B 246 25.44 4.85 -13.02
N ALA B 247 24.54 4.69 -12.06
CA ALA B 247 24.62 3.60 -11.10
C ALA B 247 23.65 2.49 -11.49
N THR B 248 23.93 1.30 -11.00
CA THR B 248 23.07 0.15 -11.21
C THR B 248 22.84 -0.55 -9.88
N GLY B 249 21.77 -1.30 -9.82
CA GLY B 249 21.48 -2.12 -8.65
C GLY B 249 21.14 -3.52 -9.10
N SER B 250 21.78 -4.50 -8.47
CA SER B 250 21.74 -5.86 -8.93
C SER B 250 21.30 -6.78 -7.81
N ASP B 251 20.73 -7.93 -8.20
CA ASP B 251 20.38 -8.93 -7.21
C ASP B 251 21.58 -9.40 -6.43
N ASP B 252 22.79 -9.21 -6.96
CA ASP B 252 24.01 -9.63 -6.28
C ASP B 252 24.46 -8.65 -5.22
N ALA B 253 23.56 -7.80 -4.70
CA ALA B 253 23.76 -6.98 -3.52
C ALA B 253 24.68 -5.79 -3.73
N THR B 254 25.27 -5.64 -4.91
CA THR B 254 26.18 -4.53 -5.15
C THR B 254 25.54 -3.49 -6.06
N CYS B 255 25.77 -2.22 -5.74
CA CYS B 255 25.59 -1.14 -6.69
C CYS B 255 26.93 -0.84 -7.35
N ARG B 256 26.90 -0.39 -8.60
CA ARG B 256 28.14 -0.09 -9.30
C ARG B 256 27.97 1.16 -10.15
N LEU B 257 28.98 2.03 -10.11
CA LEU B 257 29.00 3.26 -10.90
C LEU B 257 29.84 3.04 -12.15
N PHE B 258 29.26 3.38 -13.29
CA PHE B 258 29.94 3.32 -14.58
C PHE B 258 30.04 4.72 -15.15
N ASP B 259 31.07 4.98 -15.94
CA ASP B 259 31.28 6.28 -16.56
C ASP B 259 31.17 6.14 -18.07
N LEU B 260 30.30 6.95 -18.67
CA LEU B 260 30.04 6.84 -20.10
C LEU B 260 31.19 7.35 -20.96
N ARG B 261 32.11 8.13 -20.40
CA ARG B 261 33.26 8.60 -21.13
C ARG B 261 34.49 7.75 -20.89
N ALA B 262 34.56 7.07 -19.75
CA ALA B 262 35.57 6.05 -19.51
C ALA B 262 35.15 4.67 -20.02
N ASP B 263 33.88 4.50 -20.37
CA ASP B 263 33.38 3.28 -20.99
C ASP B 263 33.55 2.05 -20.10
N GLN B 264 33.70 2.23 -18.79
CA GLN B 264 33.95 1.09 -17.92
C GLN B 264 33.44 1.40 -16.53
N GLU B 265 33.44 0.38 -15.68
CA GLU B 265 33.03 0.55 -14.29
C GLU B 265 33.97 1.50 -13.58
N LEU B 266 33.41 2.41 -12.81
CA LEU B 266 34.20 3.36 -12.04
C LEU B 266 34.30 3.00 -10.56
N MET B 267 33.22 2.49 -9.97
CA MET B 267 33.19 2.26 -8.53
C MET B 267 32.18 1.17 -8.21
N THR B 268 32.38 0.53 -7.07
CA THR B 268 31.49 -0.51 -6.57
C THR B 268 31.08 -0.17 -5.15
N TYR B 269 29.82 -0.45 -4.83
CA TYR B 269 29.27 -0.18 -3.50
C TYR B 269 28.71 -1.48 -2.95
N SER B 270 29.40 -2.04 -1.96
CA SER B 270 28.93 -3.26 -1.32
C SER B 270 29.44 -3.29 0.10
N HIS B 271 28.75 -4.06 0.93
CA HIS B 271 29.18 -4.31 2.29
C HIS B 271 28.90 -5.77 2.61
N ASP B 272 29.86 -6.42 3.28
CA ASP B 272 29.74 -7.86 3.52
C ASP B 272 28.43 -8.21 4.21
N ASN B 273 27.89 -7.29 5.02
CA ASN B 273 26.64 -7.58 5.71
C ASN B 273 25.46 -7.60 4.76
N ILE B 274 25.58 -6.95 3.60
CA ILE B 274 24.48 -6.85 2.65
C ILE B 274 24.52 -8.09 1.76
N ILE B 275 23.52 -8.96 1.94
CA ILE B 275 23.36 -10.12 1.07
C ILE B 275 22.18 -9.98 0.13
N CYS B 276 21.27 -9.05 0.38
CA CYS B 276 20.01 -8.96 -0.33
C CYS B 276 20.17 -8.21 -1.64
N GLY B 277 19.25 -8.47 -2.57
CA GLY B 277 19.30 -7.81 -3.86
C GLY B 277 18.81 -6.38 -3.79
N ILE B 278 19.38 -5.53 -4.64
CA ILE B 278 19.01 -4.13 -4.73
C ILE B 278 17.79 -3.98 -5.61
N THR B 279 16.85 -3.15 -5.18
CA THR B 279 15.59 -2.97 -5.91
C THR B 279 15.48 -1.63 -6.63
N SER B 280 16.23 -0.62 -6.20
CA SER B 280 16.09 0.70 -6.79
C SER B 280 17.24 1.57 -6.32
N VAL B 281 17.69 2.45 -7.21
CA VAL B 281 18.77 3.38 -6.91
C VAL B 281 18.37 4.76 -7.42
N SER B 282 18.96 5.78 -6.83
CA SER B 282 18.74 7.16 -7.25
C SER B 282 19.79 8.04 -6.62
N PHE B 283 20.24 9.03 -7.38
CA PHE B 283 21.20 9.99 -6.90
C PHE B 283 20.50 11.16 -6.23
N SER B 284 21.18 11.77 -5.28
CA SER B 284 20.73 13.05 -4.76
C SER B 284 21.21 14.17 -5.68
N LYS B 285 20.57 15.34 -5.53
CA LYS B 285 20.62 16.36 -6.58
C LYS B 285 22.04 16.67 -7.02
N SER B 286 22.96 16.78 -6.06
CA SER B 286 24.35 17.08 -6.40
C SER B 286 25.11 15.85 -6.87
N GLY B 287 24.55 14.66 -6.70
CA GLY B 287 25.23 13.45 -7.08
C GLY B 287 26.22 12.92 -6.08
N ARG B 288 26.31 13.51 -4.88
CA ARG B 288 27.22 12.98 -3.87
C ARG B 288 26.63 11.75 -3.19
N LEU B 289 25.32 11.65 -3.08
CA LEU B 289 24.68 10.55 -2.36
C LEU B 289 24.02 9.62 -3.36
N LEU B 290 24.32 8.34 -3.24
CA LEU B 290 23.65 7.30 -4.00
C LEU B 290 22.79 6.49 -3.05
N LEU B 291 21.48 6.60 -3.19
CA LEU B 291 20.57 5.83 -2.38
C LEU B 291 20.33 4.49 -3.05
N ALA B 292 19.86 3.52 -2.27
CA ALA B 292 19.59 2.19 -2.81
C ALA B 292 18.48 1.53 -2.01
N GLY B 293 17.58 0.85 -2.70
CA GLY B 293 16.55 0.07 -2.04
C GLY B 293 16.89 -1.40 -2.08
N TYR B 294 16.39 -2.16 -1.12
CA TYR B 294 16.85 -3.52 -0.91
C TYR B 294 15.67 -4.44 -0.62
N ASP B 295 15.90 -5.75 -0.81
CA ASP B 295 14.94 -6.73 -0.34
C ASP B 295 14.94 -6.78 1.17
N ASP B 296 16.08 -6.42 1.80
CA ASP B 296 16.08 -6.23 3.23
C ASP B 296 15.28 -4.94 3.24
N PHE B 297 14.52 -4.67 4.26
CA PHE B 297 13.56 -3.58 4.26
C PHE B 297 14.21 -2.20 4.43
N ASN B 298 15.54 -2.11 4.54
CA ASN B 298 16.20 -0.83 4.76
C ASN B 298 16.78 -0.33 3.46
N CYS B 299 16.75 0.99 3.24
CA CYS B 299 17.36 1.57 2.05
C CYS B 299 18.66 2.13 2.61
N ASN B 300 19.74 2.20 1.84
CA ASN B 300 21.02 2.67 2.33
C ASN B 300 21.44 3.88 1.53
N VAL B 301 22.25 4.73 2.15
CA VAL B 301 22.79 5.92 1.52
C VAL B 301 24.29 5.71 1.38
N TRP B 302 24.78 5.80 0.16
CA TRP B 302 26.18 5.58 -0.14
C TRP B 302 26.80 6.90 -0.57
N ASP B 303 27.97 7.21 -0.05
CA ASP B 303 28.77 8.28 -0.60
C ASP B 303 29.26 7.84 -1.97
N ALA B 304 28.74 8.47 -3.02
CA ALA B 304 29.01 7.98 -4.36
C ALA B 304 30.49 8.02 -4.69
N LEU B 305 31.23 8.94 -4.09
CA LEU B 305 32.67 9.06 -4.35
C LEU B 305 33.51 8.22 -3.40
N LYS B 306 33.14 8.19 -2.13
CA LYS B 306 33.90 7.44 -1.12
C LYS B 306 33.43 6.01 -0.97
N ALA B 307 32.20 5.71 -1.34
CA ALA B 307 31.60 4.40 -1.16
C ALA B 307 31.40 4.04 0.32
N ASP B 308 31.59 4.99 1.22
CA ASP B 308 31.28 4.77 2.62
C ASP B 308 29.77 4.85 2.83
N ARG B 309 29.21 3.85 3.51
CA ARG B 309 27.75 3.79 3.68
C ARG B 309 27.33 4.91 4.64
N ALA B 310 27.03 6.06 4.05
CA ALA B 310 26.78 7.27 4.82
C ALA B 310 25.59 7.19 5.75
N GLY B 311 24.67 6.24 5.55
CA GLY B 311 23.49 6.23 6.39
C GLY B 311 22.54 5.12 6.00
N VAL B 312 21.35 5.16 6.61
CA VAL B 312 20.30 4.19 6.35
C VAL B 312 18.95 4.88 6.52
N LEU B 313 17.96 4.43 5.74
CA LEU B 313 16.56 4.83 5.88
C LEU B 313 15.80 3.59 6.36
N ALA B 314 15.58 3.49 7.67
CA ALA B 314 15.21 2.21 8.27
C ALA B 314 13.71 1.95 8.34
N GLY B 315 12.88 2.91 8.00
CA GLY B 315 11.50 2.87 8.44
C GLY B 315 10.52 2.12 7.58
N HIS B 316 10.91 1.00 6.98
CA HIS B 316 10.01 0.17 6.20
C HIS B 316 10.02 -1.25 6.75
N ASP B 317 8.87 -1.91 6.63
CA ASP B 317 8.68 -3.25 7.17
C ASP B 317 8.34 -4.27 6.09
N ASN B 318 8.75 -4.03 4.85
CA ASN B 318 8.75 -5.05 3.82
C ASN B 318 9.69 -4.58 2.71
N ARG B 319 9.72 -5.32 1.61
CA ARG B 319 10.62 -5.00 0.50
C ARG B 319 10.45 -3.56 0.06
N VAL B 320 11.56 -2.81 0.09
CA VAL B 320 11.56 -1.45 -0.44
C VAL B 320 11.58 -1.55 -1.97
N SER B 321 10.43 -1.35 -2.61
CA SER B 321 10.31 -1.69 -4.02
C SER B 321 10.65 -0.53 -4.94
N CYS B 322 10.47 0.71 -4.51
CA CYS B 322 10.71 1.85 -5.37
C CYS B 322 11.28 2.98 -4.54
N LEU B 323 11.99 3.86 -5.22
CA LEU B 323 12.70 4.95 -4.56
C LEU B 323 12.75 6.11 -5.54
N GLY B 324 12.77 7.32 -5.00
CA GLY B 324 12.88 8.47 -5.87
C GLY B 324 13.18 9.78 -5.19
N VAL B 325 14.18 10.48 -5.67
CA VAL B 325 14.54 11.82 -5.19
C VAL B 325 13.75 12.86 -5.96
N THR B 326 13.35 13.93 -5.29
CA THR B 326 12.67 15.03 -5.97
C THR B 326 13.63 15.73 -6.92
N ASP B 327 13.06 16.42 -7.90
CA ASP B 327 13.88 17.15 -8.85
C ASP B 327 14.71 18.24 -8.19
N ASP B 328 14.24 18.81 -7.09
CA ASP B 328 15.01 19.80 -6.35
C ASP B 328 15.77 19.21 -5.17
N GLY B 329 15.71 17.90 -4.96
CA GLY B 329 16.49 17.25 -3.93
C GLY B 329 15.99 17.45 -2.52
N MET B 330 14.86 18.14 -2.35
CA MET B 330 14.37 18.48 -1.03
C MET B 330 13.80 17.28 -0.27
N ALA B 331 13.64 16.13 -0.92
CA ALA B 331 13.08 14.97 -0.25
C ALA B 331 13.40 13.71 -1.04
N VAL B 332 13.23 12.57 -0.38
CA VAL B 332 13.30 11.26 -1.01
C VAL B 332 12.01 10.53 -0.68
N ALA B 333 11.39 9.92 -1.68
CA ALA B 333 10.27 9.02 -1.46
C ALA B 333 10.75 7.59 -1.56
N THR B 334 10.13 6.70 -0.81
CA THR B 334 10.35 5.27 -0.96
C THR B 334 9.03 4.55 -0.79
N GLY B 335 8.69 3.70 -1.75
CA GLY B 335 7.56 2.82 -1.62
C GLY B 335 8.03 1.44 -1.20
N SER B 336 7.09 0.61 -0.78
CA SER B 336 7.48 -0.66 -0.19
C SER B 336 6.35 -1.67 -0.33
N TRP B 337 6.71 -2.94 -0.21
CA TRP B 337 5.71 -4.00 -0.29
C TRP B 337 4.79 -4.01 0.91
N ASP B 338 5.12 -3.25 1.95
CA ASP B 338 4.16 -3.05 3.02
C ASP B 338 3.05 -2.08 2.65
N SER B 339 3.11 -1.51 1.45
CA SER B 339 2.04 -0.71 0.86
C SER B 339 2.00 0.73 1.35
N PHE B 340 3.09 1.24 1.92
CA PHE B 340 3.15 2.62 2.36
C PHE B 340 4.31 3.33 1.69
N LEU B 341 4.13 4.64 1.44
CA LEU B 341 5.18 5.46 0.88
C LEU B 341 5.66 6.42 1.94
N LYS B 342 6.94 6.40 2.25
CA LYS B 342 7.53 7.27 3.26
C LYS B 342 8.33 8.34 2.55
N ILE B 343 8.11 9.59 2.92
CA ILE B 343 8.86 10.71 2.37
C ILE B 343 9.89 11.13 3.39
N TRP B 344 11.13 11.24 2.97
CA TRP B 344 12.25 11.42 3.88
C TRP B 344 12.91 12.75 3.59
N ASN B 345 13.62 13.27 4.59
CA ASN B 345 14.32 14.53 4.41
C ASN B 345 15.31 14.78 5.54
N PHE C 19 -1.82 -17.75 62.94
CA PHE C 19 -1.83 -17.12 61.59
C PHE C 19 -3.21 -17.25 60.95
N LEU C 20 -3.58 -16.27 60.12
CA LEU C 20 -4.93 -16.18 59.60
C LEU C 20 -4.88 -15.57 58.20
N PHE C 21 -5.41 -16.30 57.22
CA PHE C 21 -5.37 -15.90 55.82
C PHE C 21 -6.61 -15.09 55.44
N ARG C 22 -6.47 -14.33 54.34
CA ARG C 22 -7.55 -13.51 53.81
C ARG C 22 -7.74 -13.82 52.34
N PRO C 23 -8.98 -13.78 51.84
CA PRO C 23 -9.27 -14.32 50.50
C PRO C 23 -8.62 -13.50 49.40
N ARG C 24 -8.80 -13.99 48.18
CA ARG C 24 -8.31 -13.33 46.97
C ARG C 24 -9.39 -12.44 46.39
N ASN C 25 -9.19 -11.13 46.49
CA ASN C 25 -10.12 -10.15 45.94
C ASN C 25 -9.36 -9.04 45.25
N GLN C 26 -9.84 -8.77 44.04
N VAL D 2 -18.99 19.55 -22.12
CA VAL D 2 -19.33 20.20 -20.83
C VAL D 2 -20.48 21.16 -21.06
N GLN D 3 -21.55 21.02 -20.30
CA GLN D 3 -22.71 21.87 -20.53
C GLN D 3 -23.61 21.85 -19.30
N LEU D 4 -23.83 23.03 -18.72
CA LEU D 4 -24.74 23.23 -17.61
C LEU D 4 -25.93 24.03 -18.09
N VAL D 5 -27.14 23.52 -17.86
CA VAL D 5 -28.36 24.15 -18.33
C VAL D 5 -29.24 24.41 -17.12
N GLU D 6 -29.37 25.68 -16.74
CA GLU D 6 -30.18 26.03 -15.59
C GLU D 6 -31.64 26.14 -15.99
N SER D 7 -32.52 25.72 -15.09
CA SER D 7 -33.95 25.70 -15.37
C SER D 7 -34.70 26.14 -14.13
N GLY D 8 -35.96 26.48 -14.33
CA GLY D 8 -36.77 27.05 -13.28
C GLY D 8 -36.62 28.54 -13.19
N GLY D 9 -37.38 29.14 -12.28
CA GLY D 9 -37.42 30.58 -12.12
C GLY D 9 -38.63 31.19 -12.79
N GLY D 10 -38.41 32.20 -13.60
CA GLY D 10 -39.50 32.90 -14.28
C GLY D 10 -39.98 34.10 -13.47
N LEU D 11 -41.23 34.06 -13.02
CA LEU D 11 -41.85 35.15 -12.27
C LEU D 11 -42.48 34.61 -11.00
N VAL D 12 -42.25 35.29 -9.88
CA VAL D 12 -42.75 34.86 -8.58
C VAL D 12 -43.42 36.03 -7.89
N GLN D 13 -44.56 35.75 -7.26
CA GLN D 13 -45.16 36.70 -6.34
C GLN D 13 -44.31 36.78 -5.07
N PRO D 14 -43.91 37.96 -4.62
CA PRO D 14 -43.08 38.05 -3.41
C PRO D 14 -43.68 37.23 -2.28
N GLY D 15 -42.79 36.64 -1.47
CA GLY D 15 -43.20 35.75 -0.41
C GLY D 15 -43.50 34.34 -0.84
N GLY D 16 -43.43 34.04 -2.13
CA GLY D 16 -43.61 32.69 -2.61
C GLY D 16 -42.34 31.85 -2.52
N SER D 17 -42.40 30.68 -3.15
CA SER D 17 -41.27 29.77 -3.21
C SER D 17 -41.03 29.37 -4.66
N ARG D 18 -39.75 29.18 -4.99
CA ARG D 18 -39.36 28.71 -6.31
C ARG D 18 -38.09 27.90 -6.19
N LYS D 19 -37.95 26.89 -7.03
CA LYS D 19 -36.82 25.97 -7.00
C LYS D 19 -36.14 25.96 -8.36
N LEU D 20 -34.88 26.35 -8.39
CA LEU D 20 -34.09 26.26 -9.60
C LEU D 20 -33.58 24.84 -9.78
N SER D 21 -33.50 24.41 -11.04
CA SER D 21 -32.92 23.12 -11.38
C SER D 21 -31.88 23.35 -12.46
N CYS D 22 -30.69 22.80 -12.25
CA CYS D 22 -29.61 22.88 -13.23
C CYS D 22 -29.16 21.47 -13.58
N SER D 23 -29.16 21.16 -14.86
CA SER D 23 -28.81 19.83 -15.33
C SER D 23 -27.44 19.89 -15.97
N ALA D 24 -26.49 19.12 -15.42
CA ALA D 24 -25.15 19.06 -15.95
C ALA D 24 -25.03 17.95 -16.98
N SER D 25 -24.06 18.10 -17.88
CA SER D 25 -23.79 17.08 -18.88
C SER D 25 -22.36 17.20 -19.35
N GLY D 26 -21.82 16.09 -19.85
CA GLY D 26 -20.51 16.09 -20.46
C GLY D 26 -19.35 16.28 -19.51
N PHE D 27 -19.55 16.04 -18.22
CA PHE D 27 -18.43 16.00 -17.29
C PHE D 27 -18.87 15.22 -16.05
N ALA D 28 -17.88 14.82 -15.25
CA ALA D 28 -18.10 13.99 -14.07
C ALA D 28 -18.72 14.86 -12.96
N PHE D 29 -20.05 14.99 -13.03
CA PHE D 29 -20.77 15.86 -12.11
C PHE D 29 -20.41 15.59 -10.66
N SER D 30 -20.30 14.31 -10.29
CA SER D 30 -20.14 13.97 -8.89
C SER D 30 -18.85 14.50 -8.29
N SER D 31 -17.80 14.66 -9.08
CA SER D 31 -16.51 15.06 -8.54
C SER D 31 -16.31 16.56 -8.49
N PHE D 32 -17.25 17.35 -9.00
CA PHE D 32 -17.15 18.79 -8.99
C PHE D 32 -17.97 19.39 -7.86
N GLY D 33 -17.40 20.38 -7.18
CA GLY D 33 -18.16 21.18 -6.23
C GLY D 33 -18.88 22.29 -6.97
N MET D 34 -20.17 22.44 -6.69
CA MET D 34 -21.02 23.37 -7.41
C MET D 34 -21.26 24.62 -6.59
N HIS D 35 -21.32 25.77 -7.27
CA HIS D 35 -21.74 27.02 -6.67
C HIS D 35 -22.92 27.57 -7.44
N TRP D 36 -23.78 28.29 -6.75
CA TRP D 36 -24.80 29.12 -7.38
C TRP D 36 -24.36 30.57 -7.26
N VAL D 37 -24.32 31.28 -8.38
CA VAL D 37 -23.93 32.68 -8.38
C VAL D 37 -25.08 33.49 -8.96
N ARG D 38 -25.26 34.68 -8.43
CA ARG D 38 -26.39 35.54 -8.77
C ARG D 38 -25.88 36.84 -9.39
N GLN D 39 -26.70 37.43 -10.24
CA GLN D 39 -26.41 38.74 -10.81
C GLN D 39 -27.73 39.49 -11.01
N ALA D 40 -27.99 40.47 -10.16
CA ALA D 40 -29.17 41.29 -10.32
C ALA D 40 -29.07 42.09 -11.63
N PRO D 41 -30.21 42.47 -12.21
CA PRO D 41 -30.16 43.13 -13.52
C PRO D 41 -29.25 44.35 -13.52
N GLU D 42 -28.34 44.38 -14.51
CA GLU D 42 -27.34 45.43 -14.68
C GLU D 42 -26.51 45.68 -13.43
N LYS D 43 -26.51 44.74 -12.49
CA LYS D 43 -25.67 44.83 -11.32
C LYS D 43 -24.46 43.91 -11.47
N GLY D 44 -23.70 43.76 -10.39
CA GLY D 44 -22.57 42.87 -10.37
C GLY D 44 -22.95 41.44 -10.05
N LEU D 45 -21.94 40.58 -10.04
CA LEU D 45 -22.11 39.20 -9.62
C LEU D 45 -22.20 39.12 -8.11
N GLU D 46 -22.92 38.11 -7.61
CA GLU D 46 -23.06 37.92 -6.18
C GLU D 46 -23.19 36.44 -5.88
N TRP D 47 -22.38 35.95 -4.96
CA TRP D 47 -22.42 34.55 -4.57
C TRP D 47 -23.72 34.23 -3.85
N VAL D 48 -24.19 33.00 -4.00
CA VAL D 48 -25.49 32.57 -3.48
C VAL D 48 -25.38 31.35 -2.59
N ALA D 49 -24.57 30.37 -2.98
CA ALA D 49 -24.58 29.09 -2.29
C ALA D 49 -23.36 28.30 -2.70
N TYR D 50 -23.18 27.16 -2.03
CA TYR D 50 -22.16 26.19 -2.39
C TYR D 50 -22.58 24.83 -1.89
N ILE D 51 -22.15 23.78 -2.59
CA ILE D 51 -22.32 22.41 -2.11
C ILE D 51 -21.17 21.57 -2.65
N SER D 52 -20.30 21.10 -1.76
CA SER D 52 -19.09 20.45 -2.21
C SER D 52 -19.43 19.11 -2.87
N SER D 53 -18.39 18.45 -3.37
CA SER D 53 -18.54 17.12 -3.92
C SER D 53 -18.96 16.15 -2.82
N GLY D 54 -19.97 15.34 -3.10
CA GLY D 54 -20.47 14.45 -2.09
C GLY D 54 -21.24 15.12 -0.97
N SER D 55 -21.74 16.33 -1.20
CA SER D 55 -22.70 16.98 -0.31
C SER D 55 -22.18 17.14 1.11
N GLY D 56 -20.90 16.87 1.35
CA GLY D 56 -20.41 16.88 2.72
C GLY D 56 -20.36 18.26 3.32
N THR D 57 -20.18 19.28 2.50
CA THR D 57 -20.09 20.66 2.96
C THR D 57 -21.08 21.50 2.17
N ILE D 58 -21.75 22.40 2.86
CA ILE D 58 -22.66 23.35 2.23
C ILE D 58 -22.45 24.70 2.90
N TYR D 59 -22.42 25.75 2.10
CA TYR D 59 -22.31 27.10 2.62
C TYR D 59 -23.37 27.94 1.95
N TYR D 60 -23.68 29.09 2.56
CA TYR D 60 -24.63 30.02 2.00
C TYR D 60 -24.13 31.43 2.24
N ALA D 61 -24.52 32.33 1.35
CA ALA D 61 -24.36 33.74 1.63
C ALA D 61 -25.35 34.14 2.71
N ASP D 62 -24.88 34.91 3.68
CA ASP D 62 -25.76 35.27 4.80
C ASP D 62 -27.01 36.00 4.31
N THR D 63 -26.96 36.58 3.11
CA THR D 63 -28.12 37.24 2.55
C THR D 63 -29.26 36.28 2.27
N VAL D 64 -28.96 34.99 2.12
CA VAL D 64 -29.97 34.00 1.74
C VAL D 64 -29.96 32.86 2.76
N LYS D 65 -29.04 32.92 3.71
CA LYS D 65 -28.96 31.91 4.75
C LYS D 65 -30.35 31.61 5.29
N GLY D 66 -30.70 30.33 5.33
CA GLY D 66 -31.99 29.90 5.84
C GLY D 66 -33.11 29.97 4.83
N ARG D 67 -33.12 30.98 3.97
CA ARG D 67 -34.20 31.11 2.99
C ARG D 67 -33.99 30.15 1.81
N PHE D 68 -32.74 29.93 1.41
CA PHE D 68 -32.41 29.10 0.26
C PHE D 68 -31.80 27.80 0.73
N THR D 69 -32.13 26.72 0.02
CA THR D 69 -31.57 25.40 0.27
C THR D 69 -30.90 24.91 -1.00
N ILE D 70 -29.62 24.60 -0.92
CA ILE D 70 -28.90 24.06 -2.07
C ILE D 70 -28.80 22.56 -1.93
N SER D 71 -29.18 21.84 -2.98
CA SER D 71 -29.09 20.39 -2.98
C SER D 71 -28.71 19.92 -4.38
N ARG D 72 -28.16 18.71 -4.43
CA ARG D 72 -27.69 18.11 -5.67
C ARG D 72 -28.17 16.67 -5.73
N ASP D 73 -28.21 16.13 -6.95
CA ASP D 73 -28.58 14.74 -7.18
C ASP D 73 -27.51 14.13 -8.06
N ASP D 74 -26.46 13.60 -7.44
CA ASP D 74 -25.34 13.07 -8.20
C ASP D 74 -25.77 12.02 -9.22
N PRO D 75 -26.59 11.03 -8.88
CA PRO D 75 -27.02 10.05 -9.90
C PRO D 75 -27.73 10.67 -11.08
N LYS D 76 -28.38 11.81 -10.90
CA LYS D 76 -29.10 12.48 -11.98
C LYS D 76 -28.35 13.69 -12.52
N ASN D 77 -27.11 13.92 -12.07
CA ASN D 77 -26.29 15.01 -12.57
C ASN D 77 -27.05 16.33 -12.56
N THR D 78 -27.75 16.61 -11.47
CA THR D 78 -28.59 17.79 -11.37
C THR D 78 -28.26 18.56 -10.11
N LEU D 79 -28.38 19.89 -10.19
CA LEU D 79 -28.20 20.77 -9.04
C LEU D 79 -29.49 21.56 -8.83
N PHE D 80 -29.86 21.72 -7.56
CA PHE D 80 -31.11 22.38 -7.20
C PHE D 80 -30.81 23.56 -6.30
N LEU D 81 -31.79 24.45 -6.17
CA LEU D 81 -31.75 25.55 -5.23
C LEU D 81 -33.19 25.88 -4.87
N GLN D 82 -33.66 25.36 -3.74
CA GLN D 82 -35.01 25.64 -3.28
C GLN D 82 -35.03 26.99 -2.57
N MET D 83 -35.92 27.87 -3.01
CA MET D 83 -36.05 29.22 -2.48
C MET D 83 -37.37 29.32 -1.72
N THR D 84 -37.31 29.76 -0.46
CA THR D 84 -38.43 29.58 0.46
C THR D 84 -39.35 30.79 0.52
N SER D 85 -38.82 32.00 0.65
CA SER D 85 -39.67 33.20 0.71
C SER D 85 -38.91 34.31 -0.02
N LEU D 86 -39.22 34.44 -1.30
CA LEU D 86 -38.43 35.29 -2.17
C LEU D 86 -38.81 36.76 -2.00
N ARG D 87 -37.81 37.58 -1.73
CA ARG D 87 -37.96 39.02 -1.62
C ARG D 87 -37.65 39.67 -2.96
N SER D 88 -37.98 40.96 -3.06
CA SER D 88 -37.68 41.69 -4.29
C SER D 88 -36.19 41.65 -4.62
N GLU D 89 -35.34 41.65 -3.59
CA GLU D 89 -33.91 41.62 -3.82
C GLU D 89 -33.49 40.41 -4.62
N ASP D 90 -34.25 39.32 -4.54
CA ASP D 90 -33.84 38.06 -5.12
C ASP D 90 -34.01 38.00 -6.63
N THR D 91 -34.50 39.06 -7.26
CA THR D 91 -34.63 39.07 -8.71
C THR D 91 -33.24 39.13 -9.34
N ALA D 92 -32.91 38.15 -10.17
CA ALA D 92 -31.59 38.12 -10.77
C ALA D 92 -31.46 36.87 -11.63
N MET D 93 -30.48 36.90 -12.54
CA MET D 93 -30.05 35.69 -13.21
C MET D 93 -29.21 34.86 -12.26
N TYR D 94 -29.55 33.58 -12.15
CA TYR D 94 -28.84 32.67 -11.27
C TYR D 94 -28.02 31.71 -12.11
N TYR D 95 -26.71 31.72 -11.92
CA TYR D 95 -25.79 30.91 -12.70
C TYR D 95 -25.35 29.72 -11.86
N CYS D 96 -25.40 28.54 -12.46
CA CYS D 96 -24.72 27.38 -11.90
C CYS D 96 -23.26 27.44 -12.27
N VAL D 97 -22.39 27.07 -11.33
CA VAL D 97 -20.96 27.07 -11.55
C VAL D 97 -20.40 25.78 -10.99
N ARG D 98 -19.49 25.16 -11.73
CA ARG D 98 -18.75 24.02 -11.23
C ARG D 98 -17.41 24.49 -10.70
N SER D 99 -16.91 23.80 -9.68
CA SER D 99 -15.59 24.07 -9.16
C SER D 99 -15.03 22.80 -8.57
N ILE D 100 -13.77 22.53 -8.85
CA ILE D 100 -13.11 21.34 -8.35
C ILE D 100 -11.82 21.75 -7.68
N TYR D 101 -11.59 21.23 -6.49
CA TYR D 101 -10.53 21.71 -5.63
C TYR D 101 -9.56 20.57 -5.37
N TYR D 102 -8.39 20.66 -5.95
CA TYR D 102 -7.26 19.83 -5.60
C TYR D 102 -6.02 20.60 -6.01
N TYR D 103 -4.87 20.12 -5.60
CA TYR D 103 -3.66 20.90 -5.89
C TYR D 103 -3.54 21.13 -7.39
N GLY D 104 -3.67 22.39 -7.79
CA GLY D 104 -3.54 22.77 -9.17
C GLY D 104 -4.82 22.82 -9.97
N SER D 105 -5.97 22.63 -9.33
CA SER D 105 -7.23 22.67 -10.06
C SER D 105 -7.59 24.10 -10.44
N SER D 106 -8.60 24.23 -11.30
CA SER D 106 -9.13 25.54 -11.69
C SER D 106 -10.59 25.61 -11.25
N PRO D 107 -10.87 26.10 -10.06
CA PRO D 107 -12.26 26.27 -9.63
C PRO D 107 -12.98 27.33 -10.44
N PHE D 108 -14.30 27.20 -10.49
CA PHE D 108 -15.17 28.15 -11.18
C PHE D 108 -14.88 28.24 -12.66
N ASP D 109 -14.20 27.23 -13.21
CA ASP D 109 -13.74 27.34 -14.59
C ASP D 109 -14.91 27.40 -15.56
N PHE D 110 -16.04 26.80 -15.24
CA PHE D 110 -17.14 26.71 -16.18
C PHE D 110 -18.45 27.16 -15.55
N TRP D 111 -19.20 27.96 -16.29
CA TRP D 111 -20.42 28.57 -15.82
C TRP D 111 -21.57 28.20 -16.76
N GLY D 112 -22.72 27.88 -16.19
CA GLY D 112 -23.89 27.61 -16.99
C GLY D 112 -24.35 28.87 -17.69
N GLN D 113 -25.39 28.70 -18.50
CA GLN D 113 -25.98 29.83 -19.20
C GLN D 113 -26.91 30.65 -18.32
N GLY D 114 -27.22 30.17 -17.13
CA GLY D 114 -27.99 30.94 -16.17
C GLY D 114 -29.47 30.97 -16.48
N THR D 115 -30.24 31.22 -15.44
CA THR D 115 -31.69 31.36 -15.54
C THR D 115 -32.11 32.61 -14.79
N THR D 116 -33.14 33.26 -15.30
CA THR D 116 -33.62 34.51 -14.72
C THR D 116 -34.75 34.24 -13.75
N LEU D 117 -34.66 34.84 -12.56
CA LEU D 117 -35.77 34.92 -11.62
C LEU D 117 -36.22 36.36 -11.52
N THR D 118 -37.50 36.60 -11.74
CA THR D 118 -38.12 37.90 -11.52
C THR D 118 -39.11 37.80 -10.37
N VAL D 119 -39.09 38.79 -9.50
CA VAL D 119 -40.01 38.87 -8.37
C VAL D 119 -40.78 40.17 -8.50
N SER D 120 -42.11 40.08 -8.49
CA SER D 120 -42.97 41.24 -8.70
C SER D 120 -42.68 42.33 -7.67
N SER D 136 -20.75 41.29 7.95
CA SER D 136 -19.65 42.20 8.25
C SER D 136 -18.38 41.42 8.54
N SER D 137 -17.26 42.13 8.56
CA SER D 137 -15.94 41.54 8.78
C SER D 137 -15.58 40.50 7.72
N ASP D 138 -16.29 40.49 6.59
CA ASP D 138 -15.91 39.65 5.48
C ASP D 138 -14.97 40.44 4.57
N ILE D 139 -14.47 39.79 3.51
CA ILE D 139 -13.62 40.47 2.56
C ILE D 139 -14.49 41.34 1.65
N VAL D 140 -13.96 42.50 1.27
CA VAL D 140 -14.62 43.38 0.33
C VAL D 140 -13.65 43.66 -0.81
N MET D 141 -14.12 43.45 -2.04
CA MET D 141 -13.32 43.65 -3.23
C MET D 141 -13.73 44.96 -3.90
N THR D 142 -12.78 45.85 -4.11
CA THR D 142 -13.04 47.16 -4.67
C THR D 142 -12.35 47.28 -6.03
N GLN D 143 -13.12 47.69 -7.03
CA GLN D 143 -12.62 47.91 -8.37
C GLN D 143 -12.69 49.39 -8.69
N ALA D 144 -11.58 49.93 -9.22
CA ALA D 144 -11.40 51.38 -9.24
C ALA D 144 -12.44 52.08 -10.10
N THR D 145 -12.81 51.51 -11.23
CA THR D 145 -13.59 52.23 -12.22
C THR D 145 -14.73 51.37 -12.75
N SER D 146 -15.84 52.03 -13.06
CA SER D 146 -16.93 51.37 -13.76
C SER D 146 -16.51 50.95 -15.15
N SER D 147 -15.75 51.79 -15.85
CA SER D 147 -15.53 51.62 -17.28
C SER D 147 -14.16 52.15 -17.67
N VAL D 148 -13.67 51.65 -18.81
CA VAL D 148 -12.42 52.13 -19.40
C VAL D 148 -12.53 52.02 -20.92
N PRO D 149 -12.76 53.11 -21.65
CA PRO D 149 -12.73 53.04 -23.12
C PRO D 149 -11.30 52.99 -23.63
N VAL D 150 -10.99 51.99 -24.45
CA VAL D 150 -9.67 51.84 -25.05
C VAL D 150 -9.81 51.19 -26.42
N THR D 151 -8.89 51.55 -27.35
CA THR D 151 -8.92 51.12 -28.73
C THR D 151 -8.22 49.77 -28.91
N PRO D 152 -8.58 49.01 -29.94
CA PRO D 152 -7.91 47.73 -30.18
C PRO D 152 -6.42 47.91 -30.35
N GLY D 153 -5.67 46.91 -29.91
CA GLY D 153 -4.22 46.93 -29.98
C GLY D 153 -3.54 47.55 -28.79
N GLU D 154 -4.27 48.27 -27.94
CA GLU D 154 -3.67 48.85 -26.75
C GLU D 154 -3.59 47.81 -25.64
N SER D 155 -2.71 48.08 -24.69
CA SER D 155 -2.63 47.29 -23.47
C SER D 155 -3.50 47.91 -22.40
N VAL D 156 -4.02 47.07 -21.52
CA VAL D 156 -4.85 47.52 -20.41
C VAL D 156 -4.39 46.82 -19.15
N SER D 157 -4.56 47.48 -18.01
CA SER D 157 -4.28 46.89 -16.71
C SER D 157 -5.41 47.23 -15.75
N ILE D 158 -6.48 46.43 -15.78
CA ILE D 158 -7.52 46.58 -14.78
C ILE D 158 -6.93 46.25 -13.42
N SER D 159 -7.43 46.91 -12.37
CA SER D 159 -6.84 46.78 -11.04
C SER D 159 -7.92 46.47 -10.02
N CYS D 160 -7.49 45.83 -8.94
CA CYS D 160 -8.38 45.50 -7.84
C CYS D 160 -7.64 45.66 -6.52
N ARG D 161 -8.40 45.85 -5.45
CA ARG D 161 -7.87 45.94 -4.11
C ARG D 161 -8.82 45.21 -3.17
N SER D 162 -8.25 44.59 -2.15
CA SER D 162 -9.02 43.80 -1.20
C SER D 162 -8.85 44.36 0.22
N SER D 163 -9.92 44.23 1.01
CA SER D 163 -9.85 44.63 2.41
C SER D 163 -8.93 43.75 3.23
N LYS D 164 -8.51 42.61 2.69
CA LYS D 164 -7.69 41.65 3.43
C LYS D 164 -6.67 41.07 2.48
N SER D 165 -5.56 40.60 3.04
CA SER D 165 -4.53 39.97 2.22
C SER D 165 -5.02 38.63 1.73
N LEU D 166 -5.13 38.47 0.41
CA LEU D 166 -5.51 37.19 -0.15
C LEU D 166 -4.33 36.24 -0.31
N LEU D 167 -3.10 36.72 -0.10
CA LEU D 167 -1.97 35.81 0.00
C LEU D 167 -2.13 34.96 1.26
N HIS D 168 -2.29 33.66 1.07
CA HIS D 168 -2.45 32.76 2.19
C HIS D 168 -1.09 32.30 2.69
N SER D 169 -1.09 31.75 3.90
CA SER D 169 0.16 31.26 4.48
C SER D 169 0.76 30.14 3.65
N ASN D 170 -0.06 29.40 2.91
CA ASN D 170 0.46 28.32 2.08
C ASN D 170 1.17 28.84 0.82
N GLY D 171 1.11 30.13 0.57
CA GLY D 171 1.91 30.75 -0.47
C GLY D 171 1.22 31.04 -1.77
N ASN D 172 -0.09 30.86 -1.87
CA ASN D 172 -0.81 31.18 -3.08
C ASN D 172 -1.94 32.16 -2.79
N THR D 173 -2.24 32.99 -3.77
CA THR D 173 -3.14 34.12 -3.62
C THR D 173 -4.49 33.77 -4.27
N TYR D 174 -5.54 33.75 -3.47
CA TYR D 174 -6.84 33.26 -3.92
C TYR D 174 -7.66 34.36 -4.57
N LEU D 175 -7.12 34.98 -5.61
CA LEU D 175 -7.84 35.95 -6.42
C LEU D 175 -8.17 35.33 -7.76
N TYR D 176 -9.39 35.55 -8.22
CA TYR D 176 -9.87 35.04 -9.50
C TYR D 176 -10.30 36.20 -10.39
N TRP D 177 -10.17 36.02 -11.69
CA TRP D 177 -10.62 36.99 -12.67
C TRP D 177 -11.62 36.34 -13.60
N PHE D 178 -12.75 36.99 -13.82
CA PHE D 178 -13.77 36.52 -14.75
C PHE D 178 -14.10 37.62 -15.73
N LEU D 179 -14.39 37.24 -16.96
CA LEU D 179 -14.81 38.18 -18.00
C LEU D 179 -16.18 37.78 -18.50
N GLN D 180 -17.16 38.67 -18.32
CA GLN D 180 -18.51 38.44 -18.80
C GLN D 180 -18.73 39.26 -20.06
N ARG D 181 -18.69 38.61 -21.22
CA ARG D 181 -18.97 39.28 -22.46
C ARG D 181 -20.44 39.64 -22.57
N PRO D 182 -20.79 40.69 -23.32
CA PRO D 182 -22.19 41.10 -23.40
C PRO D 182 -23.07 39.98 -23.91
N GLY D 183 -24.02 39.57 -23.07
CA GLY D 183 -24.93 38.50 -23.44
C GLY D 183 -24.36 37.12 -23.27
N GLN D 184 -23.40 36.94 -22.37
CA GLN D 184 -22.80 35.64 -22.13
C GLN D 184 -22.53 35.47 -20.65
N SER D 185 -22.39 34.22 -20.24
CA SER D 185 -21.97 33.92 -18.88
C SER D 185 -20.49 34.21 -18.71
N PRO D 186 -20.05 34.51 -17.49
CA PRO D 186 -18.63 34.74 -17.28
C PRO D 186 -17.81 33.52 -17.60
N GLN D 187 -16.56 33.74 -18.01
CA GLN D 187 -15.61 32.66 -18.21
C GLN D 187 -14.37 32.97 -17.42
N LEU D 188 -13.83 31.96 -16.75
CA LEU D 188 -12.65 32.16 -15.93
C LEU D 188 -11.47 32.64 -16.78
N LEU D 189 -10.78 33.66 -16.30
CA LEU D 189 -9.56 34.13 -16.95
C LEU D 189 -8.31 33.71 -16.19
N ILE D 190 -8.29 33.88 -14.89
CA ILE D 190 -7.12 33.58 -14.08
C ILE D 190 -7.60 33.07 -12.73
N TYR D 191 -7.32 31.80 -12.40
CA TYR D 191 -7.95 31.20 -11.23
C TYR D 191 -7.20 31.45 -9.94
N ARG D 192 -5.90 31.65 -10.02
CA ARG D 192 -5.19 32.27 -8.93
C ARG D 192 -4.22 33.24 -9.57
N MET D 193 -3.78 34.22 -8.80
CA MET D 193 -2.95 35.28 -9.33
C MET D 193 -1.93 34.71 -10.32
N SER D 194 -2.03 35.15 -11.57
CA SER D 194 -1.11 34.78 -12.63
C SER D 194 -1.35 33.39 -13.20
N ASN D 195 -2.29 32.63 -12.66
CA ASN D 195 -2.58 31.30 -13.20
C ASN D 195 -3.59 31.44 -14.32
N LEU D 196 -3.08 31.58 -15.53
CA LEU D 196 -3.93 31.75 -16.71
C LEU D 196 -4.81 30.53 -16.89
N ALA D 197 -6.09 30.75 -17.11
CA ALA D 197 -7.02 29.65 -17.24
C ALA D 197 -6.74 28.88 -18.52
N SER D 198 -7.51 27.82 -18.73
CA SER D 198 -7.39 27.03 -19.94
C SER D 198 -8.31 27.57 -21.02
N GLY D 199 -7.81 27.60 -22.25
CA GLY D 199 -8.58 28.06 -23.38
C GLY D 199 -8.60 29.56 -23.57
N VAL D 200 -7.89 30.32 -22.74
CA VAL D 200 -7.81 31.77 -22.91
C VAL D 200 -6.42 32.11 -23.45
N PRO D 201 -6.32 33.02 -24.41
CA PRO D 201 -5.02 33.30 -25.03
C PRO D 201 -4.07 33.97 -24.06
N ASP D 202 -2.78 33.75 -24.30
CA ASP D 202 -1.74 34.26 -23.42
C ASP D 202 -1.76 35.78 -23.30
N ARG D 203 -2.57 36.48 -24.09
CA ARG D 203 -2.65 37.93 -23.99
C ARG D 203 -2.98 38.36 -22.57
N PHE D 204 -3.90 37.65 -21.91
CA PHE D 204 -4.29 37.99 -20.55
C PHE D 204 -3.19 37.59 -19.57
N SER D 205 -2.95 38.46 -18.60
CA SER D 205 -1.99 38.20 -17.55
C SER D 205 -2.51 38.81 -16.26
N GLY D 206 -1.98 38.36 -15.14
CA GLY D 206 -2.41 38.88 -13.86
C GLY D 206 -1.31 38.78 -12.83
N SER D 207 -1.29 39.77 -11.93
CA SER D 207 -0.41 39.72 -10.77
C SER D 207 -0.94 40.71 -9.74
N GLY D 208 -0.36 40.64 -8.55
CA GLY D 208 -0.79 41.49 -7.46
C GLY D 208 0.12 41.31 -6.27
N SER D 209 -0.06 42.19 -5.29
CA SER D 209 0.82 42.26 -4.13
C SER D 209 0.25 41.53 -2.92
N GLY D 210 -0.83 40.79 -3.09
CA GLY D 210 -1.53 40.22 -1.97
C GLY D 210 -2.64 41.08 -1.42
N THR D 211 -2.71 42.35 -1.78
CA THR D 211 -3.84 43.20 -1.41
C THR D 211 -4.37 43.96 -2.60
N ALA D 212 -3.50 44.22 -3.59
CA ALA D 212 -3.91 44.85 -4.84
C ALA D 212 -3.43 43.99 -6.00
N PHE D 213 -4.27 43.87 -7.03
CA PHE D 213 -4.02 42.98 -8.15
C PHE D 213 -4.44 43.67 -9.44
N THR D 214 -3.82 43.29 -10.53
CA THR D 214 -4.08 43.92 -11.82
C THR D 214 -4.13 42.89 -12.92
N LEU D 215 -5.22 42.90 -13.69
CA LEU D 215 -5.35 42.04 -14.86
C LEU D 215 -4.80 42.80 -16.06
N THR D 216 -3.62 42.40 -16.54
CA THR D 216 -3.00 43.01 -17.70
C THR D 216 -3.44 42.26 -18.95
N ILE D 217 -4.26 42.89 -19.78
CA ILE D 217 -4.50 42.40 -21.13
C ILE D 217 -3.34 42.91 -21.98
N SER D 218 -2.40 42.03 -22.30
CA SER D 218 -1.12 42.46 -22.85
C SER D 218 -1.29 43.14 -24.20
N ARG D 219 -2.16 42.61 -25.05
CA ARG D 219 -2.40 43.17 -26.38
C ARG D 219 -3.88 43.04 -26.69
N LEU D 220 -4.61 44.14 -26.55
CA LEU D 220 -6.06 44.05 -26.60
C LEU D 220 -6.54 43.69 -28.00
N GLU D 221 -7.68 43.01 -28.04
CA GLU D 221 -8.40 42.71 -29.27
C GLU D 221 -9.87 43.00 -29.05
N ALA D 222 -10.61 43.11 -30.16
CA ALA D 222 -12.02 43.46 -30.07
C ALA D 222 -12.83 42.39 -29.37
N GLU D 223 -12.30 41.18 -29.25
CA GLU D 223 -13.03 40.11 -28.58
C GLU D 223 -13.11 40.30 -27.07
N ASP D 224 -12.20 41.11 -26.50
CA ASP D 224 -12.12 41.32 -25.05
C ASP D 224 -13.22 42.16 -24.45
N VAL D 225 -14.00 42.85 -25.26
CA VAL D 225 -14.97 43.79 -24.73
C VAL D 225 -15.91 43.08 -23.78
N GLY D 226 -16.11 43.66 -22.60
CA GLY D 226 -17.00 43.10 -21.62
C GLY D 226 -16.63 43.58 -20.24
N VAL D 227 -17.28 42.99 -19.24
CA VAL D 227 -17.11 43.37 -17.85
C VAL D 227 -16.19 42.38 -17.18
N TYR D 228 -15.17 42.88 -16.48
CA TYR D 228 -14.22 42.05 -15.76
C TYR D 228 -14.52 42.11 -14.27
N TYR D 229 -14.68 40.94 -13.66
CA TYR D 229 -15.00 40.82 -12.25
C TYR D 229 -13.86 40.13 -11.53
N CYS D 230 -13.42 40.69 -10.42
CA CYS D 230 -12.53 39.95 -9.54
C CYS D 230 -13.36 39.19 -8.51
N MET D 231 -12.76 38.14 -7.96
CA MET D 231 -13.42 37.35 -6.93
C MET D 231 -12.35 36.77 -6.01
N GLN D 232 -12.67 36.72 -4.73
CA GLN D 232 -11.80 36.15 -3.73
C GLN D 232 -12.23 34.73 -3.41
N HIS D 233 -11.27 33.92 -2.97
CA HIS D 233 -11.61 32.58 -2.49
C HIS D 233 -10.82 32.23 -1.24
N LEU D 234 -10.25 33.23 -0.55
CA LEU D 234 -9.43 32.96 0.61
C LEU D 234 -10.25 32.41 1.76
N GLU D 235 -11.42 33.01 1.99
CA GLU D 235 -12.32 32.63 3.08
C GLU D 235 -13.69 33.08 2.63
N TYR D 236 -14.57 32.10 2.41
CA TYR D 236 -15.77 32.44 1.68
C TYR D 236 -17.20 32.52 2.00
N PRO D 237 -17.65 33.72 2.41
CA PRO D 237 -19.07 33.98 2.36
C PRO D 237 -18.68 34.57 1.00
N LEU D 238 -18.38 33.75 -0.01
CA LEU D 238 -17.77 34.23 -1.29
C LEU D 238 -18.24 35.58 -1.77
N THR D 239 -17.33 36.41 -2.30
CA THR D 239 -17.78 37.74 -2.69
C THR D 239 -16.99 38.26 -3.87
N PHE D 240 -17.67 39.06 -4.69
CA PHE D 240 -17.17 39.55 -5.96
C PHE D 240 -16.87 41.04 -5.85
N GLY D 241 -15.89 41.48 -6.64
CA GLY D 241 -15.78 42.89 -6.92
C GLY D 241 -16.88 43.35 -7.85
N ALA D 242 -17.07 44.66 -7.90
CA ALA D 242 -18.01 45.23 -8.85
C ALA D 242 -17.43 45.19 -10.26
N GLY D 243 -18.30 45.23 -11.26
CA GLY D 243 -17.85 45.07 -12.62
C GLY D 243 -17.07 46.26 -13.12
N THR D 244 -16.01 45.98 -13.89
CA THR D 244 -15.30 46.96 -14.70
C THR D 244 -15.52 46.59 -16.16
N LYS D 245 -16.12 47.48 -16.94
CA LYS D 245 -16.46 47.17 -18.32
C LYS D 245 -15.59 47.98 -19.26
N LEU D 246 -14.84 47.28 -20.11
CA LEU D 246 -14.05 47.92 -21.14
C LEU D 246 -14.96 48.37 -22.29
N GLU D 247 -14.57 49.48 -22.93
CA GLU D 247 -15.33 50.04 -24.04
C GLU D 247 -14.35 50.39 -25.16
N LEU D 248 -14.91 50.57 -26.35
CA LEU D 248 -14.10 50.97 -27.50
C LEU D 248 -14.96 51.67 -28.54
N THR E 5 21.08 -18.44 -43.10
CA THR E 5 20.19 -18.72 -41.95
C THR E 5 20.32 -17.64 -40.88
N ALA E 6 19.32 -17.55 -40.01
CA ALA E 6 19.29 -16.48 -39.02
C ALA E 6 20.43 -16.59 -38.01
N SER E 7 20.83 -17.81 -37.65
CA SER E 7 21.87 -17.98 -36.64
C SER E 7 23.17 -17.32 -37.08
N ILE E 8 23.60 -17.58 -38.32
CA ILE E 8 24.82 -16.93 -38.80
C ILE E 8 24.56 -15.45 -39.00
N ALA E 9 23.35 -15.07 -39.40
CA ALA E 9 23.00 -13.65 -39.45
C ALA E 9 23.13 -13.03 -38.07
N GLN E 10 22.66 -13.73 -37.05
CA GLN E 10 22.78 -13.23 -35.68
C GLN E 10 24.25 -13.03 -35.31
N ALA E 11 25.10 -14.01 -35.61
CA ALA E 11 26.51 -13.88 -35.28
C ALA E 11 27.16 -12.72 -36.04
N ARG E 12 26.79 -12.53 -37.31
CA ARG E 12 27.32 -11.41 -38.07
C ARG E 12 26.91 -10.09 -37.44
N LYS E 13 25.64 -9.99 -37.03
CA LYS E 13 25.18 -8.78 -36.37
C LYS E 13 25.95 -8.55 -35.08
N LEU E 14 26.20 -9.61 -34.32
CA LEU E 14 26.94 -9.47 -33.07
C LEU E 14 28.33 -8.91 -33.33
N VAL E 15 29.04 -9.47 -34.30
CA VAL E 15 30.39 -8.98 -34.58
C VAL E 15 30.36 -7.55 -35.09
N GLU E 16 29.36 -7.18 -35.90
CA GLU E 16 29.27 -5.82 -36.38
C GLU E 16 29.04 -4.85 -35.24
N GLN E 17 28.15 -5.19 -34.30
CA GLN E 17 27.92 -4.30 -33.16
C GLN E 17 29.14 -4.25 -32.26
N LEU E 18 29.86 -5.36 -32.12
CA LEU E 18 31.08 -5.32 -31.32
C LEU E 18 32.11 -4.38 -31.93
N LYS E 19 32.22 -4.40 -33.26
CA LYS E 19 33.09 -3.42 -33.92
C LYS E 19 32.59 -2.01 -33.66
N MET E 20 31.29 -1.79 -33.75
CA MET E 20 30.73 -0.46 -33.53
C MET E 20 31.05 0.03 -32.12
N GLU E 21 31.03 -0.87 -31.14
CA GLU E 21 31.37 -0.48 -29.78
C GLU E 21 32.86 -0.20 -29.64
N ALA E 22 33.70 -0.99 -30.32
CA ALA E 22 35.14 -0.88 -30.11
C ALA E 22 35.68 0.48 -30.57
N ASN E 23 35.17 0.98 -31.70
CA ASN E 23 35.75 2.19 -32.28
C ASN E 23 35.52 3.43 -31.43
N ILE E 24 34.63 3.37 -30.44
CA ILE E 24 34.28 4.57 -29.70
C ILE E 24 35.51 5.12 -28.97
N ASP E 25 35.49 6.42 -28.73
CA ASP E 25 36.57 7.08 -28.01
C ASP E 25 36.43 6.84 -26.51
N ARG E 26 37.56 6.87 -25.81
CA ARG E 26 37.59 6.64 -24.38
C ARG E 26 38.62 7.54 -23.72
N ILE E 27 38.33 7.99 -22.51
CA ILE E 27 39.27 8.77 -21.72
C ILE E 27 39.67 7.96 -20.50
N LYS E 28 40.84 8.28 -19.94
CA LYS E 28 41.33 7.58 -18.77
C LYS E 28 40.39 7.80 -17.58
N VAL E 29 40.24 6.76 -16.75
CA VAL E 29 39.35 6.85 -15.61
C VAL E 29 39.78 7.96 -14.66
N SER E 30 41.08 8.30 -14.66
CA SER E 30 41.53 9.39 -13.80
C SER E 30 40.79 10.68 -14.14
N LYS E 31 40.80 11.06 -15.42
CA LYS E 31 40.15 12.31 -15.82
C LYS E 31 38.64 12.25 -15.61
N ALA E 32 38.03 11.09 -15.92
CA ALA E 32 36.59 10.97 -15.74
C ALA E 32 36.20 11.11 -14.28
N ALA E 33 36.92 10.43 -13.39
CA ALA E 33 36.65 10.57 -11.96
C ALA E 33 36.88 12.00 -11.51
N ALA E 34 37.92 12.65 -12.03
CA ALA E 34 38.17 14.03 -11.64
C ALA E 34 37.01 14.92 -12.04
N ASP E 35 36.48 14.72 -13.25
CA ASP E 35 35.33 15.52 -13.69
C ASP E 35 34.11 15.24 -12.83
N LEU E 36 33.89 13.97 -12.48
CA LEU E 36 32.74 13.64 -11.65
C LEU E 36 32.87 14.29 -10.28
N MET E 37 34.07 14.25 -9.69
CA MET E 37 34.31 14.92 -8.42
C MET E 37 34.08 16.42 -8.55
N ALA E 38 34.53 17.02 -9.66
CA ALA E 38 34.36 18.44 -9.85
C ALA E 38 32.90 18.82 -9.92
N TYR E 39 32.09 18.03 -10.65
CA TYR E 39 30.65 18.29 -10.66
C TYR E 39 30.04 18.07 -9.30
N CYS E 40 30.47 17.03 -8.58
CA CYS E 40 29.88 16.74 -7.29
C CYS E 40 30.16 17.84 -6.28
N GLU E 41 31.30 18.51 -6.41
CA GLU E 41 31.59 19.64 -5.53
C GLU E 41 30.91 20.90 -6.01
N ALA E 42 30.78 21.09 -7.32
CA ALA E 42 30.26 22.36 -7.83
C ALA E 42 28.84 22.62 -7.35
N HIS E 43 28.03 21.56 -7.17
CA HIS E 43 26.64 21.70 -6.77
C HIS E 43 26.38 21.19 -5.37
N ALA E 44 27.39 21.14 -4.52
CA ALA E 44 27.22 20.56 -3.20
C ALA E 44 26.21 21.35 -2.37
N LYS E 45 26.26 22.69 -2.42
CA LYS E 45 25.43 23.49 -1.54
C LYS E 45 23.94 23.36 -1.87
N GLU E 46 23.59 23.22 -3.14
CA GLU E 46 22.18 23.13 -3.52
C GLU E 46 21.53 21.82 -3.15
N ASP E 47 22.31 20.82 -2.74
CA ASP E 47 21.81 19.50 -2.39
C ASP E 47 21.19 19.52 -1.01
N PRO E 48 19.85 19.51 -0.89
CA PRO E 48 19.24 19.57 0.44
C PRO E 48 19.31 18.27 1.22
N LEU E 49 19.74 17.17 0.62
CA LEU E 49 19.96 15.94 1.38
C LEU E 49 21.40 15.82 1.85
N LEU E 50 22.34 16.38 1.09
CA LEU E 50 23.73 16.40 1.53
C LEU E 50 23.93 17.41 2.65
N THR E 51 23.36 18.60 2.51
CA THR E 51 23.49 19.67 3.50
C THR E 51 22.08 20.09 3.91
N PRO E 52 21.51 19.43 4.92
CA PRO E 52 20.09 19.67 5.25
C PRO E 52 19.78 21.15 5.42
N VAL E 53 18.66 21.57 4.85
CA VAL E 53 18.20 22.95 4.92
C VAL E 53 17.66 23.23 6.33
N PRO E 54 17.58 24.49 6.75
CA PRO E 54 16.82 24.80 7.96
C PRO E 54 15.34 24.53 7.76
N ALA E 55 14.65 24.28 8.87
CA ALA E 55 13.23 23.97 8.80
C ALA E 55 12.42 25.10 8.18
N SER E 56 12.98 26.30 8.06
CA SER E 56 12.26 27.39 7.41
C SER E 56 12.13 27.16 5.92
N GLU E 57 13.15 26.58 5.29
CA GLU E 57 13.14 26.31 3.86
C GLU E 57 12.67 24.90 3.53
N ASN E 58 12.65 24.01 4.50
CA ASN E 58 12.13 22.66 4.29
C ASN E 58 10.63 22.73 4.09
N PRO E 59 10.10 22.43 2.90
CA PRO E 59 8.66 22.52 2.68
C PRO E 59 7.86 21.40 3.30
N PHE E 60 8.52 20.39 3.86
CA PHE E 60 7.80 19.26 4.43
C PHE E 60 7.55 19.43 5.92
N ARG E 61 8.45 20.09 6.63
CA ARG E 61 8.22 20.41 8.03
C ARG E 61 9.09 21.58 8.44
N GLU F 214 10.18 -24.05 59.26
CA GLU F 214 8.87 -23.63 59.85
C GLU F 214 7.79 -23.53 58.76
N LEU F 215 6.69 -22.86 59.10
CA LEU F 215 5.46 -22.98 58.31
C LEU F 215 5.63 -22.47 56.88
N PHE F 216 6.24 -21.31 56.71
CA PHE F 216 6.12 -20.56 55.46
C PHE F 216 7.28 -20.79 54.49
N MET F 217 8.33 -21.49 54.88
CA MET F 217 9.48 -21.62 53.98
C MET F 217 9.14 -22.37 52.71
N PRO F 218 8.48 -23.54 52.75
CA PRO F 218 8.09 -24.19 51.47
C PRO F 218 7.18 -23.31 50.63
N ILE F 219 6.23 -22.61 51.27
CA ILE F 219 5.37 -21.70 50.53
C ILE F 219 6.21 -20.63 49.84
N CYS F 220 7.15 -20.05 50.59
CA CYS F 220 8.00 -19.02 50.00
C CYS F 220 8.73 -19.55 48.79
N ALA F 221 9.33 -20.73 48.91
CA ALA F 221 10.12 -21.29 47.81
C ALA F 221 9.24 -21.54 46.59
N THR F 222 8.09 -22.19 46.80
CA THR F 222 7.22 -22.50 45.66
C THR F 222 6.71 -21.23 45.00
N TYR F 223 6.21 -20.28 45.78
CA TYR F 223 5.69 -19.05 45.20
C TYR F 223 6.77 -18.24 44.51
N LEU F 224 7.98 -18.20 45.09
CA LEU F 224 9.04 -17.42 44.46
C LEU F 224 9.50 -18.07 43.16
N LEU F 225 9.58 -19.40 43.12
CA LEU F 225 9.89 -20.09 41.88
C LEU F 225 8.82 -19.80 40.83
N ILE F 226 7.54 -19.93 41.20
CA ILE F 226 6.47 -19.66 40.25
C ILE F 226 6.58 -18.22 39.76
N PHE F 227 6.83 -17.29 40.68
CA PHE F 227 6.92 -15.88 40.30
C PHE F 227 7.97 -15.70 39.23
N VAL F 228 9.19 -16.17 39.49
CA VAL F 228 10.27 -15.91 38.55
C VAL F 228 10.02 -16.62 37.23
N VAL F 229 9.52 -17.85 37.28
CA VAL F 229 9.34 -18.63 36.06
C VAL F 229 8.24 -18.03 35.19
N GLY F 230 7.09 -17.71 35.78
CA GLY F 230 6.03 -17.08 35.02
C GLY F 230 6.39 -15.70 34.53
N ALA F 231 7.19 -14.96 35.31
CA ALA F 231 7.65 -13.67 34.86
C ALA F 231 8.52 -13.81 33.63
N VAL F 232 9.45 -14.77 33.64
CA VAL F 232 10.29 -14.98 32.47
C VAL F 232 9.44 -15.37 31.28
N GLY F 233 8.47 -16.28 31.49
CA GLY F 233 7.63 -16.72 30.41
C GLY F 233 6.91 -15.57 29.74
N ASN F 234 6.16 -14.80 30.53
CA ASN F 234 5.41 -13.69 29.98
C ASN F 234 6.32 -12.62 29.39
N GLY F 235 7.47 -12.36 30.00
CA GLY F 235 8.40 -11.39 29.44
C GLY F 235 8.86 -11.80 28.07
N LEU F 236 9.25 -13.08 27.92
CA LEU F 236 9.63 -13.58 26.61
C LEU F 236 8.48 -13.45 25.63
N THR F 237 7.28 -13.84 26.04
CA THR F 237 6.13 -13.81 25.13
C THR F 237 5.90 -12.39 24.61
N CYS F 238 5.79 -11.42 25.51
CA CYS F 238 5.58 -10.05 25.07
C CYS F 238 6.75 -9.54 24.25
N LEU F 239 7.97 -9.91 24.65
CA LEU F 239 9.17 -9.35 24.02
C LEU F 239 9.24 -9.69 22.55
N VAL F 240 8.93 -10.93 22.18
CA VAL F 240 8.94 -11.30 20.78
C VAL F 240 7.71 -10.78 20.05
N ILE F 241 6.62 -10.53 20.77
CA ILE F 241 5.45 -9.94 20.13
C ILE F 241 5.72 -8.50 19.77
N LEU F 242 6.49 -7.77 20.58
CA LEU F 242 6.77 -6.37 20.29
C LEU F 242 7.45 -6.16 18.95
N ARG F 243 7.92 -7.23 18.30
CA ARG F 243 8.31 -7.15 16.91
C ARG F 243 7.13 -6.80 16.00
N HIS F 244 5.92 -6.68 16.55
CA HIS F 244 4.78 -6.23 15.75
C HIS F 244 5.08 -4.95 15.00
N LYS F 245 6.05 -4.16 15.48
CA LYS F 245 6.50 -3.00 14.73
C LYS F 245 6.86 -3.42 13.31
N ALA F 246 7.45 -4.62 13.15
CA ALA F 246 7.87 -5.09 11.84
C ALA F 246 7.49 -6.53 11.51
N MET F 247 7.20 -7.40 12.49
CA MET F 247 7.16 -8.83 12.19
C MET F 247 6.00 -9.59 12.84
N ARG F 248 5.07 -8.95 13.54
CA ARG F 248 3.98 -9.66 14.21
C ARG F 248 2.63 -9.05 13.83
N THR F 249 1.68 -9.93 13.50
CA THR F 249 0.40 -9.60 12.89
C THR F 249 -0.70 -9.50 13.92
N PRO F 250 -1.75 -8.71 13.69
CA PRO F 250 -2.69 -8.37 14.77
C PRO F 250 -3.22 -9.55 15.56
N THR F 251 -3.20 -10.75 14.99
CA THR F 251 -3.65 -11.91 15.76
C THR F 251 -2.81 -12.08 17.00
N ASN F 252 -1.56 -11.60 16.98
CA ASN F 252 -0.69 -11.71 18.14
C ASN F 252 -1.10 -10.78 19.26
N TYR F 253 -1.98 -9.82 19.01
CA TYR F 253 -2.38 -8.92 20.09
C TYR F 253 -3.26 -9.62 21.11
N TYR F 254 -4.01 -10.64 20.70
CA TYR F 254 -4.67 -11.47 21.70
C TYR F 254 -3.64 -12.10 22.63
N LEU F 255 -2.57 -12.65 22.05
CA LEU F 255 -1.51 -13.25 22.85
C LEU F 255 -0.85 -12.22 23.74
N PHE F 256 -0.67 -10.99 23.23
CA PHE F 256 -0.04 -9.95 24.03
C PHE F 256 -0.92 -9.54 25.19
N SER F 257 -2.22 -9.35 24.95
CA SER F 257 -3.13 -9.05 26.03
C SER F 257 -3.11 -10.16 27.07
N LEU F 258 -3.10 -11.42 26.62
CA LEU F 258 -3.05 -12.53 27.55
C LEU F 258 -1.77 -12.49 28.39
N ALA F 259 -0.62 -12.31 27.73
CA ALA F 259 0.64 -12.28 28.45
C ALA F 259 0.68 -11.13 29.42
N VAL F 260 0.00 -10.03 29.11
CA VAL F 260 -0.08 -8.90 30.04
C VAL F 260 -0.90 -9.29 31.26
N SER F 261 -2.09 -9.83 31.04
CA SER F 261 -2.95 -10.19 32.17
C SER F 261 -2.27 -11.22 33.06
N ASP F 262 -1.55 -12.16 32.46
CA ASP F 262 -0.85 -13.15 33.27
C ASP F 262 0.35 -12.54 33.98
N LEU F 263 1.02 -11.58 33.34
CA LEU F 263 2.11 -10.88 34.00
C LEU F 263 1.59 -10.12 35.22
N LEU F 264 0.53 -9.32 35.03
CA LEU F 264 0.00 -8.54 36.14
C LEU F 264 -0.54 -9.41 37.25
N VAL F 265 -0.97 -10.64 36.94
CA VAL F 265 -1.32 -11.57 38.01
C VAL F 265 -0.09 -11.94 38.82
N LEU F 266 1.07 -12.00 38.16
CA LEU F 266 2.31 -12.33 38.84
C LEU F 266 3.06 -11.12 39.35
N LEU F 267 2.67 -9.91 38.94
CA LEU F 267 3.23 -8.67 39.48
C LEU F 267 2.33 -8.08 40.56
N VAL F 268 1.04 -7.90 40.27
CA VAL F 268 0.07 -7.61 41.32
C VAL F 268 -0.16 -8.90 42.08
N GLY F 269 -0.72 -8.81 43.27
CA GLY F 269 -1.26 -10.00 43.90
C GLY F 269 -0.19 -10.87 44.51
N LEU F 270 0.56 -11.56 43.67
CA LEU F 270 1.54 -12.54 44.14
C LEU F 270 2.62 -11.93 45.02
N PRO F 271 3.34 -10.88 44.62
CA PRO F 271 4.37 -10.34 45.53
C PRO F 271 3.81 -9.79 46.81
N LEU F 272 2.61 -9.21 46.79
CA LEU F 272 1.97 -8.78 48.02
C LEU F 272 1.55 -9.98 48.85
N GLU F 273 1.02 -11.02 48.21
CA GLU F 273 0.71 -12.25 48.92
C GLU F 273 1.99 -12.87 49.50
N LEU F 274 3.11 -12.72 48.80
CA LEU F 274 4.38 -13.17 49.34
C LEU F 274 4.76 -12.38 50.59
N TYR F 275 4.78 -11.05 50.48
CA TYR F 275 5.24 -10.19 51.57
C TYR F 275 4.20 -9.99 52.65
N GLU F 276 2.95 -10.42 52.40
CA GLU F 276 1.96 -10.48 53.47
C GLU F 276 2.18 -11.73 54.32
N MET F 277 3.35 -12.34 54.17
CA MET F 277 3.82 -13.30 55.16
C MET F 277 4.01 -12.62 56.52
N TRP F 278 4.42 -11.36 56.52
CA TRP F 278 4.56 -10.59 57.75
C TRP F 278 3.25 -9.90 58.10
N GLY F 286 -3.48 3.51 51.95
CA GLY F 286 -4.09 2.51 52.78
C GLY F 286 -5.47 2.12 52.29
N VAL F 287 -6.48 2.94 52.56
CA VAL F 287 -7.85 2.65 52.14
C VAL F 287 -7.89 2.86 50.64
N GLY F 288 -7.44 4.03 50.19
CA GLY F 288 -7.36 4.30 48.76
C GLY F 288 -6.32 3.40 48.16
N GLY F 289 -5.29 3.08 48.92
CA GLY F 289 -4.27 2.15 48.46
C GLY F 289 -4.88 0.84 48.04
N CYS F 290 -5.72 0.27 48.92
CA CYS F 290 -6.35 -1.03 48.62
C CYS F 290 -7.52 -0.91 47.67
N TYR F 291 -8.04 0.28 47.39
CA TYR F 291 -9.11 0.43 46.39
C TYR F 291 -8.52 0.28 44.99
N PHE F 292 -7.38 0.89 44.71
CA PHE F 292 -6.75 0.69 43.42
C PHE F 292 -6.14 -0.70 43.30
N ARG F 293 -5.57 -1.23 44.39
CA ARG F 293 -5.01 -2.58 44.33
C ARG F 293 -6.08 -3.62 44.05
N THR F 294 -7.17 -3.60 44.81
CA THR F 294 -8.19 -4.63 44.64
C THR F 294 -8.83 -4.53 43.26
N LEU F 295 -9.09 -3.32 42.78
CA LEU F 295 -9.60 -3.14 41.43
C LEU F 295 -8.63 -3.71 40.41
N LEU F 296 -7.34 -3.38 40.56
CA LEU F 296 -6.35 -3.91 39.63
C LEU F 296 -6.36 -5.43 39.63
N PHE F 297 -6.43 -6.02 40.82
CA PHE F 297 -6.40 -7.48 40.91
C PHE F 297 -7.59 -8.10 40.21
N GLU F 298 -8.80 -7.64 40.54
CA GLU F 298 -9.99 -8.23 39.92
C GLU F 298 -9.99 -8.02 38.42
N MET F 299 -9.65 -6.81 37.97
CA MET F 299 -9.63 -6.54 36.54
C MET F 299 -8.58 -7.39 35.84
N VAL F 300 -7.41 -7.56 36.45
CA VAL F 300 -6.36 -8.37 35.83
C VAL F 300 -6.80 -9.81 35.72
N CYS F 301 -7.42 -10.36 36.78
CA CYS F 301 -7.90 -11.73 36.72
C CYS F 301 -8.98 -11.91 35.65
N LEU F 302 -10.00 -11.05 35.66
CA LEU F 302 -11.07 -11.22 34.67
C LEU F 302 -10.60 -10.87 33.28
N ALA F 303 -9.60 -10.01 33.14
CA ALA F 303 -9.02 -9.77 31.82
C ALA F 303 -8.32 -11.01 31.32
N SER F 304 -7.65 -11.74 32.21
CA SER F 304 -7.08 -13.02 31.81
C SER F 304 -8.17 -13.98 31.35
N VAL F 305 -9.26 -14.07 32.11
CA VAL F 305 -10.34 -14.99 31.76
C VAL F 305 -10.93 -14.62 30.40
N LEU F 306 -11.22 -13.34 30.19
CA LEU F 306 -11.83 -12.92 28.92
C LEU F 306 -10.85 -13.00 27.77
N ASN F 307 -9.55 -12.78 28.02
CA ASN F 307 -8.56 -13.08 27.00
C ASN F 307 -8.67 -14.53 26.56
N VAL F 308 -8.72 -15.44 27.52
CA VAL F 308 -8.80 -16.86 27.16
C VAL F 308 -10.08 -17.14 26.38
N THR F 309 -11.21 -16.61 26.83
CA THR F 309 -12.47 -16.90 26.15
C THR F 309 -12.50 -16.32 24.73
N ALA F 310 -12.08 -15.06 24.58
CA ALA F 310 -12.10 -14.46 23.25
C ALA F 310 -11.12 -15.15 22.32
N LEU F 311 -9.96 -15.54 22.83
CA LEU F 311 -9.06 -16.39 22.05
C LEU F 311 -9.78 -17.65 21.61
N SER F 312 -10.54 -18.27 22.52
CA SER F 312 -11.26 -19.50 22.18
C SER F 312 -12.24 -19.24 21.05
N VAL F 313 -12.95 -18.11 21.07
CA VAL F 313 -13.96 -17.86 20.04
C VAL F 313 -13.31 -17.51 18.71
N GLU F 314 -12.27 -16.69 18.73
CA GLU F 314 -11.57 -16.38 17.47
C GLU F 314 -10.99 -17.64 16.87
N ARG F 315 -10.44 -18.52 17.70
CA ARG F 315 -9.94 -19.79 17.20
C ARG F 315 -11.08 -20.66 16.71
N TYR F 316 -12.29 -20.46 17.21
CA TYR F 316 -13.43 -21.17 16.66
C TYR F 316 -13.71 -20.72 15.23
N VAL F 317 -13.81 -19.41 15.01
CA VAL F 317 -14.05 -18.92 13.65
C VAL F 317 -12.85 -19.22 12.77
N ALA F 318 -11.65 -19.15 13.34
CA ALA F 318 -10.45 -19.42 12.57
C ALA F 318 -10.48 -20.80 11.94
N VAL F 319 -11.20 -21.74 12.54
CA VAL F 319 -11.16 -23.14 12.12
C VAL F 319 -12.47 -23.57 11.50
N VAL F 320 -13.61 -23.07 11.98
CA VAL F 320 -14.88 -23.52 11.45
C VAL F 320 -15.42 -22.64 10.33
N HIS F 321 -14.95 -21.40 10.23
CA HIS F 321 -15.28 -20.51 9.12
C HIS F 321 -13.98 -19.89 8.63
N PRO F 322 -13.09 -20.71 8.08
CA PRO F 322 -11.70 -20.27 7.92
C PRO F 322 -11.57 -18.99 7.11
N LEU F 323 -12.46 -18.79 6.15
CA LEU F 323 -12.36 -17.61 5.29
C LEU F 323 -12.73 -16.34 6.02
N GLN F 324 -13.83 -16.36 6.78
CA GLN F 324 -14.28 -15.14 7.43
C GLN F 324 -13.27 -14.66 8.46
N ALA F 325 -12.62 -15.60 9.15
CA ALA F 325 -11.57 -15.21 10.09
C ALA F 325 -10.45 -14.50 9.36
N ARG F 326 -10.05 -15.01 8.19
CA ARG F 326 -8.98 -14.38 7.44
C ARG F 326 -9.36 -12.96 7.02
N SER F 327 -10.60 -12.77 6.55
CA SER F 327 -11.01 -11.46 6.08
C SER F 327 -11.23 -10.48 7.22
N MET F 328 -11.93 -10.91 8.28
CA MET F 328 -12.40 -9.99 9.30
C MET F 328 -11.29 -9.56 10.25
N VAL F 329 -10.34 -10.44 10.56
CA VAL F 329 -9.38 -10.13 11.60
C VAL F 329 -8.47 -9.01 11.10
N THR F 330 -8.59 -7.85 11.71
CA THR F 330 -7.80 -6.68 11.36
C THR F 330 -7.48 -5.93 12.64
N ARG F 331 -6.39 -5.17 12.62
CA ARG F 331 -6.04 -4.40 13.81
C ARG F 331 -7.21 -3.55 14.29
N ALA F 332 -7.95 -2.94 13.36
CA ALA F 332 -9.14 -2.19 13.72
C ALA F 332 -10.23 -3.09 14.30
N HIS F 333 -10.13 -4.40 14.09
CA HIS F 333 -11.03 -5.34 14.74
C HIS F 333 -10.42 -5.85 16.04
N VAL F 334 -9.14 -6.20 16.02
CA VAL F 334 -8.50 -6.78 17.20
C VAL F 334 -8.49 -5.79 18.35
N ARG F 335 -8.14 -4.53 18.07
CA ARG F 335 -8.13 -3.54 19.15
C ARG F 335 -9.52 -3.31 19.71
N ARG F 336 -10.56 -3.40 18.88
CA ARG F 336 -11.92 -3.23 19.37
C ARG F 336 -12.30 -4.36 20.32
N VAL F 337 -12.06 -5.60 19.93
CA VAL F 337 -12.46 -6.71 20.80
C VAL F 337 -11.59 -6.74 22.05
N LEU F 338 -10.31 -6.39 21.97
CA LEU F 338 -9.50 -6.29 23.17
C LEU F 338 -10.00 -5.19 24.09
N GLY F 339 -10.45 -4.07 23.53
CA GLY F 339 -11.08 -3.05 24.34
C GLY F 339 -12.31 -3.59 25.04
N ALA F 340 -13.12 -4.37 24.32
CA ALA F 340 -14.27 -4.99 24.96
C ALA F 340 -13.85 -5.90 26.10
N VAL F 341 -12.79 -6.69 25.88
CA VAL F 341 -12.31 -7.60 26.92
C VAL F 341 -11.95 -6.83 28.19
N TRP F 342 -11.14 -5.79 28.04
CA TRP F 342 -10.71 -5.07 29.23
C TRP F 342 -11.82 -4.21 29.82
N GLY F 343 -12.72 -3.70 28.99
CA GLY F 343 -13.86 -2.98 29.52
C GLY F 343 -14.75 -3.86 30.37
N LEU F 344 -15.06 -5.07 29.88
CA LEU F 344 -15.85 -5.98 30.68
C LEU F 344 -15.10 -6.42 31.92
N ALA F 345 -13.77 -6.55 31.84
CA ALA F 345 -13.00 -6.84 33.04
C ALA F 345 -13.19 -5.73 34.07
N MET F 346 -13.16 -4.48 33.63
CA MET F 346 -13.39 -3.35 34.54
C MET F 346 -14.79 -3.42 35.13
N LEU F 347 -15.80 -3.54 34.26
CA LEU F 347 -17.19 -3.49 34.72
C LEU F 347 -17.52 -4.62 35.66
N CYS F 348 -16.86 -5.78 35.53
CA CYS F 348 -17.03 -6.85 36.49
C CYS F 348 -16.08 -6.76 37.66
N SER F 349 -15.12 -5.82 37.62
CA SER F 349 -14.20 -5.66 38.73
C SER F 349 -14.83 -4.89 39.89
N LEU F 350 -15.66 -3.90 39.58
CA LEU F 350 -16.14 -2.97 40.59
C LEU F 350 -16.92 -3.62 41.73
N PRO F 351 -17.94 -4.44 41.48
CA PRO F 351 -18.84 -4.82 42.59
C PRO F 351 -18.12 -5.46 43.74
N ASN F 352 -17.02 -6.16 43.47
CA ASN F 352 -16.15 -6.66 44.51
C ASN F 352 -15.09 -5.64 44.91
N THR F 353 -14.78 -4.70 44.03
CA THR F 353 -13.72 -3.73 44.29
C THR F 353 -14.01 -2.90 45.53
N SER F 354 -15.16 -2.22 45.53
CA SER F 354 -15.43 -1.19 46.53
C SER F 354 -15.74 -1.78 47.90
N LEU F 355 -15.89 -3.09 48.02
CA LEU F 355 -16.17 -3.69 49.33
C LEU F 355 -14.95 -3.67 50.25
N HIS F 356 -13.76 -3.44 49.72
CA HIS F 356 -12.53 -3.69 50.46
C HIS F 356 -11.79 -2.40 50.79
N GLY F 357 -11.31 -2.33 52.02
CA GLY F 357 -10.54 -1.22 52.52
C GLY F 357 -9.77 -1.64 53.74
N ILE F 358 -9.19 -0.66 54.43
CA ILE F 358 -8.45 -0.95 55.65
C ILE F 358 -9.43 -1.31 56.76
N ARG F 359 -8.95 -2.12 57.71
CA ARG F 359 -9.76 -2.56 58.83
C ARG F 359 -8.96 -2.45 60.12
N ALA F 373 -4.87 -1.76 59.49
CA ALA F 373 -4.26 -3.00 59.93
C ALA F 373 -4.12 -3.98 58.78
N VAL F 374 -5.21 -4.22 58.05
CA VAL F 374 -5.20 -5.19 56.96
C VAL F 374 -6.22 -4.78 55.92
N CYS F 375 -5.95 -5.06 54.65
CA CYS F 375 -6.96 -4.80 53.64
C CYS F 375 -7.96 -5.90 53.90
N MET F 376 -9.22 -5.55 54.13
CA MET F 376 -10.24 -6.53 54.48
C MET F 376 -11.60 -5.95 54.11
N LEU F 377 -12.64 -6.78 54.07
CA LEU F 377 -13.98 -6.29 53.77
C LEU F 377 -14.45 -5.26 54.80
N VAL F 378 -15.00 -4.16 54.31
CA VAL F 378 -15.78 -3.26 55.13
C VAL F 378 -17.27 -3.61 55.06
N ARG F 379 -17.76 -3.93 53.86
CA ARG F 379 -19.12 -4.33 53.65
C ARG F 379 -19.35 -5.74 54.19
N PRO F 380 -20.60 -6.18 54.35
CA PRO F 380 -20.84 -7.51 54.90
C PRO F 380 -20.24 -8.61 54.03
N ARG F 381 -19.58 -9.57 54.70
CA ARG F 381 -18.94 -10.65 53.96
C ARG F 381 -19.95 -11.72 53.55
N ALA F 382 -20.98 -11.96 54.36
CA ALA F 382 -21.81 -13.14 54.18
C ALA F 382 -23.03 -12.91 53.29
N LEU F 383 -23.37 -11.67 52.94
CA LEU F 383 -24.55 -11.45 52.13
C LEU F 383 -24.24 -10.91 50.74
N TYR F 384 -23.56 -9.76 50.68
CA TYR F 384 -23.26 -9.17 49.38
C TYR F 384 -22.05 -9.83 48.74
N ASN F 385 -20.99 -10.03 49.52
CA ASN F 385 -19.79 -10.66 48.98
C ASN F 385 -20.07 -12.09 48.55
N MET F 386 -20.89 -12.82 49.30
CA MET F 386 -21.15 -14.21 48.94
C MET F 386 -21.78 -14.30 47.56
N VAL F 387 -22.76 -13.43 47.27
CA VAL F 387 -23.39 -13.46 45.94
C VAL F 387 -22.40 -12.99 44.87
N VAL F 388 -21.56 -12.00 45.18
CA VAL F 388 -20.57 -11.54 44.21
C VAL F 388 -19.59 -12.66 43.84
N GLN F 389 -19.12 -13.38 44.86
CA GLN F 389 -18.20 -14.49 44.60
C GLN F 389 -18.89 -15.57 43.79
N THR F 390 -20.13 -15.91 44.14
CA THR F 390 -20.83 -16.91 43.35
C THR F 390 -21.06 -16.46 41.92
N THR F 391 -21.24 -15.15 41.71
CA THR F 391 -21.44 -14.66 40.35
C THR F 391 -20.16 -14.72 39.54
N ALA F 392 -19.03 -14.30 40.12
CA ALA F 392 -17.76 -14.46 39.41
C ALA F 392 -17.46 -15.94 39.18
N LEU F 393 -17.86 -16.80 40.11
CA LEU F 393 -17.74 -18.23 39.89
C LEU F 393 -18.58 -18.66 38.71
N LEU F 394 -19.76 -18.05 38.55
CA LEU F 394 -20.56 -18.34 37.36
C LEU F 394 -19.89 -17.82 36.10
N PHE F 395 -19.19 -16.68 36.21
CA PHE F 395 -18.45 -16.12 35.08
C PHE F 395 -17.20 -16.90 34.81
N PHE F 396 -16.91 -17.96 35.59
CA PHE F 396 -15.81 -18.87 35.30
C PHE F 396 -16.42 -20.13 34.74
N CYS F 397 -17.52 -20.58 35.34
CA CYS F 397 -18.23 -21.75 34.83
C CYS F 397 -18.75 -21.50 33.42
N LEU F 398 -19.27 -20.30 33.17
CA LEU F 398 -19.80 -19.98 31.84
C LEU F 398 -18.76 -19.99 30.72
N PRO F 399 -17.59 -19.35 30.91
CA PRO F 399 -16.62 -19.45 29.81
C PRO F 399 -16.03 -20.82 29.77
N MET F 400 -15.94 -21.51 30.90
CA MET F 400 -15.50 -22.89 30.88
C MET F 400 -16.33 -23.71 29.91
N ALA F 401 -17.65 -23.66 30.06
CA ALA F 401 -18.53 -24.43 29.18
C ALA F 401 -18.45 -23.95 27.74
N ILE F 402 -18.43 -22.63 27.54
CA ILE F 402 -18.37 -22.06 26.21
C ILE F 402 -17.12 -22.55 25.48
N MET F 403 -15.97 -22.43 26.12
CA MET F 403 -14.75 -22.86 25.44
C MET F 403 -14.68 -24.38 25.33
N SER F 404 -15.30 -25.11 26.26
CA SER F 404 -15.38 -26.56 26.08
C SER F 404 -16.18 -26.91 24.84
N VAL F 405 -17.31 -26.24 24.62
CA VAL F 405 -18.16 -26.52 23.47
C VAL F 405 -17.46 -26.09 22.18
N LEU F 406 -16.84 -24.91 22.19
CA LEU F 406 -16.20 -24.41 20.99
C LEU F 406 -14.98 -25.25 20.62
N TYR F 407 -14.21 -25.67 21.61
CA TYR F 407 -13.11 -26.58 21.31
C TYR F 407 -13.63 -27.96 20.92
N LEU F 408 -14.80 -28.36 21.41
CA LEU F 408 -15.41 -29.59 20.93
C LEU F 408 -15.75 -29.49 19.46
N LEU F 409 -16.36 -28.38 19.05
CA LEU F 409 -16.69 -28.20 17.64
C LEU F 409 -15.43 -28.10 16.79
N ILE F 410 -14.40 -27.40 17.28
CA ILE F 410 -13.13 -27.35 16.58
C ILE F 410 -12.57 -28.75 16.38
N GLY F 411 -12.59 -29.55 17.45
CA GLY F 411 -12.13 -30.92 17.34
C GLY F 411 -12.95 -31.74 16.36
N LEU F 412 -14.27 -31.54 16.37
CA LEU F 412 -15.11 -32.29 15.43
C LEU F 412 -14.80 -31.92 13.99
N ARG F 413 -14.58 -30.63 13.73
CA ARG F 413 -14.25 -30.21 12.37
C ARG F 413 -12.89 -30.73 11.94
N LEU F 414 -11.89 -30.59 12.81
CA LEU F 414 -10.57 -31.13 12.49
C LEU F 414 -10.62 -32.64 12.33
N ARG F 415 -11.55 -33.31 13.02
CA ARG F 415 -11.76 -34.73 12.80
C ARG F 415 -12.32 -34.96 11.40
N ARG F 416 -13.35 -34.22 11.03
CA ARG F 416 -13.96 -34.38 9.71
C ARG F 416 -12.93 -34.20 8.61
N GLU F 417 -12.00 -33.26 8.79
CA GLU F 417 -10.96 -33.03 7.79
C GLU F 417 -9.78 -33.96 7.95
N ARG F 418 -9.61 -34.57 9.13
CA ARG F 418 -8.77 -35.75 9.24
C ARG F 418 -9.42 -36.93 8.53
N LEU F 419 -10.72 -37.10 8.71
CA LEU F 419 -11.48 -38.15 8.05
C LEU F 419 -12.08 -37.64 6.75
N ASP F 445 0.74 -34.72 8.66
CA ASP F 445 -0.50 -35.29 9.16
C ASP F 445 -0.76 -34.84 10.60
N ARG F 446 0.30 -34.33 11.25
CA ARG F 446 0.30 -34.21 12.70
C ARG F 446 -0.64 -33.13 13.21
N GLY F 447 -0.88 -32.08 12.42
CA GLY F 447 -1.54 -30.90 12.94
C GLY F 447 -2.86 -31.18 13.64
N ARG F 448 -3.78 -31.83 12.94
CA ARG F 448 -5.14 -31.96 13.46
C ARG F 448 -5.18 -32.60 14.84
N ARG F 449 -4.27 -33.53 15.11
CA ARG F 449 -4.33 -34.24 16.39
C ARG F 449 -3.68 -33.44 17.51
N GLN F 450 -2.46 -32.96 17.30
CA GLN F 450 -1.79 -32.19 18.33
C GLN F 450 -2.59 -30.96 18.70
N VAL F 451 -3.27 -30.36 17.72
CA VAL F 451 -4.12 -29.21 18.00
C VAL F 451 -5.23 -29.60 18.97
N THR F 452 -5.92 -30.70 18.70
CA THR F 452 -7.01 -31.12 19.59
C THR F 452 -6.49 -31.45 20.97
N LYS F 453 -5.32 -32.11 21.05
CA LYS F 453 -4.73 -32.41 22.35
C LYS F 453 -4.44 -31.11 23.10
N MET F 454 -3.86 -30.13 22.43
CA MET F 454 -3.57 -28.87 23.10
C MET F 454 -4.84 -28.16 23.54
N LEU F 455 -5.91 -28.25 22.75
CA LEU F 455 -7.15 -27.59 23.16
C LEU F 455 -7.76 -28.27 24.38
N PHE F 456 -7.74 -29.60 24.41
CA PHE F 456 -8.17 -30.30 25.62
C PHE F 456 -7.34 -29.87 26.82
N VAL F 457 -6.02 -29.80 26.63
CA VAL F 457 -5.14 -29.35 27.71
C VAL F 457 -5.51 -27.95 28.16
N LEU F 458 -5.83 -27.08 27.22
CA LEU F 458 -6.16 -25.70 27.59
C LEU F 458 -7.42 -25.65 28.45
N VAL F 459 -8.43 -26.43 28.09
CA VAL F 459 -9.64 -26.42 28.91
C VAL F 459 -9.36 -27.02 30.28
N VAL F 460 -8.58 -28.10 30.30
CA VAL F 460 -8.25 -28.78 31.56
C VAL F 460 -7.50 -27.82 32.47
N VAL F 461 -6.52 -27.09 31.95
CA VAL F 461 -5.71 -26.19 32.76
C VAL F 461 -6.50 -24.97 33.19
N PHE F 462 -7.38 -24.45 32.33
CA PHE F 462 -8.26 -23.38 32.77
C PHE F 462 -9.13 -23.83 33.93
N GLY F 463 -9.70 -25.03 33.84
CA GLY F 463 -10.46 -25.55 34.96
C GLY F 463 -9.62 -25.70 36.21
N ILE F 464 -8.44 -26.32 36.07
CA ILE F 464 -7.59 -26.59 37.22
C ILE F 464 -7.16 -25.30 37.90
N CYS F 465 -7.02 -24.23 37.12
CA CYS F 465 -6.46 -23.00 37.66
C CYS F 465 -7.51 -22.00 38.13
N TRP F 466 -8.71 -22.03 37.57
CA TRP F 466 -9.73 -21.09 38.00
C TRP F 466 -10.77 -21.71 38.93
N ALA F 467 -10.87 -23.03 39.00
CA ALA F 467 -11.71 -23.62 40.03
C ALA F 467 -11.17 -23.37 41.44
N PRO F 468 -9.88 -23.54 41.72
CA PRO F 468 -9.40 -23.22 43.06
C PRO F 468 -9.60 -21.75 43.41
N PHE F 469 -9.38 -20.86 42.44
CA PHE F 469 -9.49 -19.43 42.69
C PHE F 469 -10.88 -19.04 43.16
N HIS F 470 -11.91 -19.46 42.43
CA HIS F 470 -13.27 -19.12 42.82
C HIS F 470 -13.71 -19.93 44.03
N ALA F 471 -13.34 -21.21 44.07
CA ALA F 471 -13.74 -22.05 45.20
C ALA F 471 -13.24 -21.46 46.52
N ASP F 472 -12.00 -20.98 46.52
CA ASP F 472 -11.43 -20.41 47.74
C ASP F 472 -12.28 -19.29 48.32
N ARG F 473 -12.59 -18.26 47.54
CA ARG F 473 -13.29 -17.11 48.09
C ARG F 473 -14.78 -17.37 48.27
N VAL F 474 -15.37 -18.24 47.45
CA VAL F 474 -16.75 -18.64 47.68
C VAL F 474 -16.88 -19.31 49.05
N MET F 475 -15.96 -20.23 49.35
CA MET F 475 -15.96 -20.86 50.66
C MET F 475 -15.82 -19.82 51.76
N TRP F 476 -14.83 -18.94 51.65
CA TRP F 476 -14.63 -17.92 52.66
C TRP F 476 -15.90 -17.11 52.87
N SER F 477 -16.68 -16.89 51.82
CA SER F 477 -17.91 -16.12 51.94
C SER F 477 -19.01 -16.90 52.62
N VAL F 478 -19.07 -18.22 52.40
CA VAL F 478 -20.19 -18.98 52.94
C VAL F 478 -20.02 -19.34 54.41
N VAL F 479 -18.81 -19.30 54.95
CA VAL F 479 -18.57 -19.67 56.34
C VAL F 479 -19.27 -18.68 57.26
N SER F 480 -20.28 -19.16 58.00
CA SER F 480 -20.96 -18.31 58.96
C SER F 480 -20.11 -18.04 60.20
N GLN F 481 -19.36 -19.05 60.64
CA GLN F 481 -18.48 -18.92 61.79
C GLN F 481 -17.25 -19.78 61.53
N TRP F 482 -16.11 -19.35 62.08
CA TRP F 482 -14.83 -19.98 61.79
C TRP F 482 -14.42 -20.95 62.90
N THR F 483 -15.01 -22.15 62.83
CA THR F 483 -14.56 -23.24 63.66
C THR F 483 -13.07 -23.51 63.43
N ASP F 484 -12.39 -23.97 64.47
CA ASP F 484 -10.93 -24.12 64.37
C ASP F 484 -10.54 -25.08 63.25
N GLY F 485 -11.18 -26.25 63.19
CA GLY F 485 -10.91 -27.16 62.09
C GLY F 485 -11.29 -26.53 60.75
N LEU F 486 -12.38 -25.78 60.74
CA LEU F 486 -12.76 -25.05 59.54
C LEU F 486 -11.69 -24.03 59.16
N HIS F 487 -11.14 -23.34 60.16
CA HIS F 487 -10.06 -22.39 59.90
C HIS F 487 -8.86 -23.08 59.26
N LEU F 488 -8.45 -24.22 59.81
CA LEU F 488 -7.31 -24.95 59.26
C LEU F 488 -7.61 -25.43 57.84
N ALA F 489 -8.82 -25.93 57.61
CA ALA F 489 -9.19 -26.37 56.28
C ALA F 489 -9.10 -25.23 55.29
N PHE F 490 -9.60 -24.05 55.68
CA PHE F 490 -9.50 -22.90 54.79
C PHE F 490 -8.04 -22.51 54.57
N GLN F 491 -7.20 -22.64 55.59
CA GLN F 491 -5.78 -22.39 55.39
C GLN F 491 -5.22 -23.25 54.27
N HIS F 492 -5.47 -24.55 54.35
CA HIS F 492 -5.02 -25.44 53.30
C HIS F 492 -5.58 -24.99 51.95
N VAL F 493 -6.88 -24.70 51.93
CA VAL F 493 -7.53 -24.32 50.68
C VAL F 493 -6.83 -23.11 50.08
N HIS F 494 -6.56 -22.10 50.90
CA HIS F 494 -5.98 -20.87 50.36
C HIS F 494 -4.58 -21.11 49.81
N VAL F 495 -3.73 -21.83 50.55
CA VAL F 495 -2.38 -22.04 50.05
C VAL F 495 -2.41 -22.83 48.74
N ILE F 496 -3.20 -23.90 48.70
CA ILE F 496 -3.24 -24.74 47.51
C ILE F 496 -3.80 -23.95 46.33
N SER F 497 -4.90 -23.23 46.55
CA SER F 497 -5.49 -22.43 45.49
C SER F 497 -4.50 -21.42 44.96
N GLY F 498 -3.75 -20.77 45.84
CA GLY F 498 -2.75 -19.83 45.36
C GLY F 498 -1.74 -20.52 44.46
N ILE F 499 -1.24 -21.67 44.90
CA ILE F 499 -0.26 -22.38 44.07
C ILE F 499 -0.84 -22.66 42.70
N PHE F 500 -2.05 -23.24 42.65
CA PHE F 500 -2.62 -23.63 41.37
C PHE F 500 -2.89 -22.43 40.48
N PHE F 501 -3.51 -21.38 41.03
CA PHE F 501 -3.89 -20.23 40.21
C PHE F 501 -2.67 -19.54 39.64
N TYR F 502 -1.65 -19.29 40.48
CA TYR F 502 -0.47 -18.63 39.95
C TYR F 502 0.30 -19.57 39.02
N LEU F 503 0.23 -20.88 39.24
CA LEU F 503 0.82 -21.80 38.27
C LEU F 503 0.12 -21.66 36.92
N GLY F 504 -1.19 -21.51 36.93
CA GLY F 504 -1.92 -21.33 35.68
C GLY F 504 -1.53 -20.05 34.97
N SER F 505 -1.46 -18.95 35.71
CA SER F 505 -1.04 -17.70 35.11
C SER F 505 0.41 -17.73 34.67
N ALA F 506 1.21 -18.63 35.25
CA ALA F 506 2.58 -18.81 34.77
C ALA F 506 2.64 -19.67 33.52
N ALA F 507 1.74 -20.66 33.40
CA ALA F 507 1.78 -21.59 32.29
C ALA F 507 1.08 -21.05 31.05
N ASN F 508 0.21 -20.06 31.20
CA ASN F 508 -0.42 -19.46 30.03
C ASN F 508 0.57 -19.05 28.94
N PRO F 509 1.67 -18.35 29.23
CA PRO F 509 2.61 -18.02 28.15
C PRO F 509 3.11 -19.22 27.40
N VAL F 510 3.45 -20.31 28.10
CA VAL F 510 3.95 -21.49 27.41
C VAL F 510 2.87 -22.03 26.48
N LEU F 511 1.73 -22.43 27.06
CA LEU F 511 0.70 -23.11 26.31
C LEU F 511 0.20 -22.27 25.14
N TYR F 512 0.14 -20.96 25.31
CA TYR F 512 -0.49 -20.12 24.29
C TYR F 512 0.49 -19.54 23.28
N SER F 513 1.76 -19.33 23.63
CA SER F 513 2.68 -18.74 22.68
C SER F 513 3.89 -19.62 22.42
N LEU F 514 4.53 -20.11 23.48
CA LEU F 514 5.88 -20.64 23.28
C LEU F 514 5.87 -22.09 22.82
N MET F 515 4.76 -22.80 22.98
CA MET F 515 4.61 -24.10 22.35
C MET F 515 4.31 -23.99 20.87
N SER F 516 4.04 -22.79 20.38
CA SER F 516 3.70 -22.60 18.97
C SER F 516 4.95 -22.68 18.12
N SER F 517 4.88 -23.46 17.05
CA SER F 517 5.97 -23.50 16.08
C SER F 517 6.27 -22.12 15.51
N ARG F 518 5.25 -21.28 15.44
CA ARG F 518 5.42 -19.91 14.93
C ARG F 518 6.32 -19.08 15.82
N PHE F 519 6.43 -19.43 17.11
CA PHE F 519 7.26 -18.72 18.07
C PHE F 519 8.64 -19.32 18.20
N ARG F 520 8.75 -20.64 18.04
CA ARG F 520 9.98 -21.34 18.40
C ARG F 520 11.19 -20.82 17.63
N GLU F 521 10.96 -20.15 16.50
CA GLU F 521 12.06 -19.68 15.66
C GLU F 521 12.63 -18.35 16.15
N THR F 522 13.08 -18.31 17.41
CA THR F 522 13.67 -17.10 17.98
C THR F 522 14.84 -16.60 17.15
#